data_7VLU
#
_entry.id   7VLU
#
_cell.length_a   1.00
_cell.length_b   1.00
_cell.length_c   1.00
_cell.angle_alpha   90.00
_cell.angle_beta   90.00
_cell.angle_gamma   90.00
#
_symmetry.space_group_name_H-M   'P 1'
#
loop_
_entity.id
_entity.type
_entity.pdbx_description
1 polymer 'ATP-binding cassette sub-family C member 9'
2 non-polymer 'CHOLESTEROL HEMISUCCINATE'
3 non-polymer "ADENOSINE-5'-DIPHOSPHATE"
4 non-polymer 'MAGNESIUM ION'
5 non-polymer "ADENOSINE-5'-TRIPHOSPHATE"
6 non-polymer 1-cyano-2-(2-methylbutan-2-yl)-3-pyridin-3-yl-guanidine
#
_entity_poly.entity_id   1
_entity_poly.type   'polypeptide(L)'
_entity_poly.pdbx_seq_one_letter_code
;MSLSFCGNNISSYNIYHGVLQNPCFVDALNLVPHVFLLFITFPILFIGWGSQSSKVQIHHNTWLHFPGHNLRWILTFALL
FVHVCEIAEGIVSDSQRASRHLHLFMPAVMGFVATTTSIVYYHNIETSNFPKLLLALFLYWVMAFITKTIKLVKYWQLGW
GMSDLRFCITGVMVILNGLLMAVEINVIRVRRYVFFMNPQKVKPPEDLQDLGVRFLQPFVNLLSKATYWWMNTLIISAHR
KPIDLKAIGKLPIAMRAVTNYVCLKEAYEEQKKKAADHPNRTPSIWLAMYRAFGRPILLSSTFRYLADLLGFAGPLCISG
IVQRVNEPKNNTTRFSETLSSKEFLENAHVLAVLLFLALILQRTFLQASYYVTIETGINLRGALLAMIYNKILRLSTSNL
SMGEMTLGQINNLVAIETNQLMWFLFLCPNLWAMPVQIIMGVILLYNLLGSSALVGAAVIVLLAPIQYFIATKLAEAQKS
TLDYSTERLKKTNEILKGIKLLKLYAWEHIFCKSVEETRMKELSSLKTFALYTSLSIFMNAAIPIAAVLATFVTHAYASG
NNLKPAEAFASLSLFHILVTPLFLLSTVVRFAVKAIISVQKLNEFLLSDEIGEDSWRTGEGTLPFESCKKHTGVQSKPIN
RKQPGRYHLDNYEQARRLRPAETEDVAIKVTNGYFSWGSGLATLSNIDIRIPTGQLTMIVGQVGCGKSSLLLAILGEMQT
LEGKVYWNNVNESEPSFEATRSRSRYSVAYAAQKPWLLNATVEENITFGSSFNRQRYKAVTDACSLQPDIDLLPFGDQTE
IGERGINLSGGQRQRICVARALYQNTNIVFLDDPFSALDIHLSDHLMQEGILKFLQDDKRTVVLVTHKLQYLTHADWIIA
MKDGSVLREGTLKDIQTKDVELYEHWKTLMNRQDQELEKDMEADQTTLERKTLRRAMYSREAKAQMEDEDEEEEEEEDED
DNMSTVMRLRTKMPWKTCWWYLTSGGFFLLFLMIFSKLLKHSVIVAIDYWLATWTSEYSINDPGKADQTFYVAGFSILCG
AGIFLCLVTSLTVEWMGLTAAKNLHHNLLNKIILGPIRFFDTTPLGLILNRFSADTNIIDQHIPPTLESLTRSTLLCLSA
IGMISYATPVFLIALAPLGVAFYFIQKYFRVASKDLQELDDSTQLPLLCHFSETAEGLTTIRAFRHETRFKQRMLELTDT
NNIAYLFLSAANRWLEVRTDYLGACIVLTASIASISGSSNSGLVGLGLLYALTITNYLNWVVRNLADLEVQMGAVKKVNS
FLTMESENYEGTMDPSQVPEHWPQEGEIKIHDLCVRYENNLKPVLKHVKAYIKPGQKVGICGRTGSGKSSLSLAFFRMVD
IFDGKIVIDGIDISKLPLHTLRSRLSIILQDPILFSGSIRFNLDPECKCTDDRLWEALEIAQLKNMVKSLPGGLDATVTE
GGENFSVGQRQLFCLARAFVRKSSILIMDEATASIDMATENILQKVVMTAFADRTVVTIAHRVSSIMDAGLVLVFSEGIL
VECDTGPNLLQHKNGLFSTLVMTNK
;
_entity_poly.pdbx_strand_id   A
#
# COMPACT_ATOMS: atom_id res chain seq x y z
N TRP A 230 11.14 1.85 -33.97
CA TRP A 230 10.88 0.43 -33.76
C TRP A 230 9.48 0.21 -33.18
N MET A 231 8.98 1.21 -32.44
CA MET A 231 7.65 1.09 -31.85
C MET A 231 6.55 1.12 -32.90
N ASN A 232 6.74 1.89 -33.98
CA ASN A 232 5.67 2.14 -34.94
C ASN A 232 4.89 0.87 -35.29
N THR A 233 5.62 -0.22 -35.58
CA THR A 233 4.96 -1.46 -35.97
C THR A 233 4.10 -2.00 -34.82
N LEU A 234 4.62 -1.98 -33.60
CA LEU A 234 3.86 -2.45 -32.44
C LEU A 234 2.62 -1.59 -32.20
N ILE A 235 2.78 -0.26 -32.32
CA ILE A 235 1.66 0.65 -32.13
C ILE A 235 0.55 0.35 -33.13
N ILE A 236 0.93 0.21 -34.41
CA ILE A 236 -0.08 -0.07 -35.43
C ILE A 236 -0.67 -1.46 -35.24
N SER A 237 0.12 -2.41 -34.71
CA SER A 237 -0.39 -3.74 -34.43
C SER A 237 -1.35 -3.76 -33.25
N ALA A 238 -1.29 -2.74 -32.39
CA ALA A 238 -2.25 -2.65 -31.28
C ALA A 238 -3.67 -2.88 -31.75
N HIS A 239 -4.01 -2.40 -32.96
CA HIS A 239 -5.37 -2.53 -33.46
C HIS A 239 -5.69 -3.99 -33.77
N ARG A 240 -4.97 -4.59 -34.71
CA ARG A 240 -5.30 -5.94 -35.15
C ARG A 240 -5.15 -6.96 -34.03
N LYS A 241 -4.05 -6.88 -33.29
CA LYS A 241 -3.75 -7.83 -32.22
C LYS A 241 -3.39 -7.07 -30.94
N PRO A 242 -4.25 -7.09 -29.92
CA PRO A 242 -3.90 -6.43 -28.66
C PRO A 242 -2.54 -6.90 -28.15
N ILE A 243 -1.72 -5.94 -27.74
CA ILE A 243 -0.33 -6.23 -27.40
C ILE A 243 -0.29 -6.97 -26.06
N ASP A 244 0.27 -8.17 -26.07
CA ASP A 244 0.43 -9.00 -24.88
C ASP A 244 1.92 -9.22 -24.62
N LEU A 245 2.20 -9.86 -23.49
CA LEU A 245 3.59 -10.11 -23.11
C LEU A 245 4.31 -11.03 -24.09
N LYS A 246 3.56 -11.76 -24.94
CA LYS A 246 4.21 -12.54 -25.98
C LYS A 246 4.50 -11.69 -27.21
N ALA A 247 3.58 -10.81 -27.60
CA ALA A 247 3.89 -9.81 -28.60
C ALA A 247 5.05 -8.94 -28.14
N ILE A 248 5.17 -8.73 -26.82
CA ILE A 248 6.30 -8.04 -26.23
C ILE A 248 7.45 -9.03 -26.06
N GLY A 249 8.68 -8.51 -26.15
CA GLY A 249 9.86 -9.35 -26.13
C GLY A 249 10.49 -9.50 -24.76
N LYS A 250 11.42 -10.44 -24.66
CA LYS A 250 12.15 -10.68 -23.43
C LYS A 250 13.20 -9.58 -23.21
N LEU A 251 13.44 -9.25 -21.94
CA LEU A 251 14.33 -8.15 -21.62
C LEU A 251 15.77 -8.48 -22.02
N PRO A 252 16.55 -7.52 -22.49
CA PRO A 252 17.93 -7.81 -22.88
C PRO A 252 18.74 -8.36 -21.73
N ILE A 253 19.95 -8.86 -22.07
CA ILE A 253 20.80 -9.50 -21.07
C ILE A 253 21.22 -8.49 -20.01
N ALA A 254 21.64 -7.30 -20.43
CA ALA A 254 22.15 -6.31 -19.49
C ALA A 254 21.06 -5.50 -18.79
N MET A 255 19.80 -5.70 -19.15
CA MET A 255 18.68 -5.05 -18.50
C MET A 255 17.95 -5.96 -17.51
N ARG A 256 18.36 -7.23 -17.40
CA ARG A 256 17.73 -8.12 -16.44
C ARG A 256 17.98 -7.62 -15.02
N ALA A 257 17.01 -7.87 -14.15
CA ALA A 257 17.14 -7.44 -12.75
C ALA A 257 18.34 -8.11 -12.08
N VAL A 258 18.76 -9.28 -12.56
CA VAL A 258 19.83 -10.02 -11.91
C VAL A 258 21.14 -9.24 -11.98
N THR A 259 21.53 -8.83 -13.19
CA THR A 259 22.82 -8.18 -13.38
C THR A 259 22.84 -6.81 -12.70
N ASN A 260 21.77 -6.03 -12.87
CA ASN A 260 21.70 -4.72 -12.22
C ASN A 260 21.73 -4.87 -10.70
N TYR A 261 21.04 -5.88 -10.17
CA TYR A 261 21.07 -6.11 -8.73
C TYR A 261 22.48 -6.44 -8.26
N VAL A 262 23.20 -7.31 -8.99
CA VAL A 262 24.55 -7.66 -8.58
C VAL A 262 25.43 -6.42 -8.56
N CYS A 263 25.32 -5.60 -9.61
CA CYS A 263 26.13 -4.38 -9.68
C CYS A 263 25.83 -3.44 -8.51
N LEU A 264 24.54 -3.19 -8.26
CA LEU A 264 24.18 -2.26 -7.21
C LEU A 264 24.54 -2.81 -5.83
N LYS A 265 24.43 -4.12 -5.63
CA LYS A 265 24.83 -4.72 -4.36
C LYS A 265 26.33 -4.57 -4.15
N GLU A 266 27.13 -4.78 -5.21
CA GLU A 266 28.57 -4.60 -5.07
C GLU A 266 28.89 -3.15 -4.70
N ALA A 267 28.24 -2.19 -5.36
CA ALA A 267 28.50 -0.79 -5.04
C ALA A 267 28.07 -0.46 -3.61
N TYR A 268 26.91 -0.96 -3.19
CA TYR A 268 26.41 -0.68 -1.84
C TYR A 268 27.31 -1.30 -0.79
N GLU A 269 27.83 -2.50 -1.05
CA GLU A 269 28.76 -3.12 -0.11
C GLU A 269 30.09 -2.37 -0.06
N GLU A 270 30.53 -1.84 -1.21
CA GLU A 270 31.74 -1.01 -1.20
C GLU A 270 31.52 0.25 -0.34
N GLN A 271 30.33 0.84 -0.44
CA GLN A 271 29.99 1.96 0.44
C GLN A 271 29.94 1.51 1.91
N LYS A 272 29.46 0.30 2.15
CA LYS A 272 29.43 -0.23 3.52
C LYS A 272 30.83 -0.35 4.09
N LYS A 273 31.79 -0.78 3.28
CA LYS A 273 33.15 -0.95 3.77
C LYS A 273 33.67 0.31 4.45
N LYS A 274 33.23 1.48 3.98
CA LYS A 274 33.66 2.75 4.55
C LYS A 274 32.90 3.13 5.81
N ALA A 275 31.84 2.39 6.17
CA ALA A 275 31.12 2.70 7.40
C ALA A 275 31.98 2.41 8.62
N ALA A 276 32.77 1.33 8.58
CA ALA A 276 33.64 1.01 9.70
C ALA A 276 34.83 1.98 9.80
N ASP A 277 35.35 2.44 8.65
CA ASP A 277 36.51 3.31 8.66
C ASP A 277 36.19 4.65 9.30
N HIS A 278 35.11 5.30 8.85
CA HIS A 278 34.73 6.63 9.36
C HIS A 278 33.61 6.49 10.37
N PRO A 279 33.75 7.03 11.58
CA PRO A 279 32.66 6.90 12.57
C PRO A 279 31.37 7.54 12.05
N ASN A 280 30.27 6.80 12.21
CA ASN A 280 28.93 7.29 11.86
C ASN A 280 28.83 7.63 10.37
N ARG A 281 29.46 6.82 9.53
CA ARG A 281 29.42 6.99 8.08
C ARG A 281 28.43 5.98 7.51
N THR A 282 27.15 6.35 7.52
CA THR A 282 26.11 5.46 7.01
C THR A 282 26.30 5.26 5.50
N PRO A 283 26.15 4.03 5.01
CA PRO A 283 26.18 3.82 3.56
C PRO A 283 25.15 4.70 2.87
N SER A 284 25.59 5.43 1.87
CA SER A 284 24.72 6.33 1.11
C SER A 284 24.21 5.60 -0.13
N ILE A 285 22.89 5.41 -0.22
CA ILE A 285 22.31 4.81 -1.41
C ILE A 285 22.64 5.63 -2.64
N TRP A 286 22.85 6.94 -2.47
CA TRP A 286 23.08 7.81 -3.62
C TRP A 286 24.41 7.49 -4.30
N LEU A 287 25.50 7.38 -3.52
CA LEU A 287 26.79 7.07 -4.12
C LEU A 287 26.80 5.67 -4.73
N ALA A 288 26.10 4.71 -4.11
CA ALA A 288 26.02 3.38 -4.70
C ALA A 288 25.29 3.42 -6.03
N MET A 289 24.12 4.09 -6.06
CA MET A 289 23.41 4.27 -7.31
C MET A 289 24.31 4.91 -8.36
N TYR A 290 25.08 5.92 -7.96
CA TYR A 290 25.95 6.60 -8.91
C TYR A 290 27.01 5.66 -9.45
N ARG A 291 27.74 4.98 -8.56
CA ARG A 291 28.79 4.08 -9.02
C ARG A 291 28.23 2.98 -9.91
N ALA A 292 26.97 2.60 -9.73
CA ALA A 292 26.42 1.50 -10.50
C ALA A 292 25.76 1.95 -11.80
N PHE A 293 25.27 3.19 -11.88
CA PHE A 293 24.49 3.60 -13.05
C PHE A 293 24.80 5.03 -13.48
N GLY A 294 26.04 5.49 -13.30
CA GLY A 294 26.37 6.86 -13.63
C GLY A 294 26.69 7.13 -15.09
N ARG A 295 27.59 6.33 -15.66
CA ARG A 295 28.02 6.56 -17.04
C ARG A 295 26.85 6.70 -18.00
N PRO A 296 25.80 5.88 -17.95
CA PRO A 296 24.62 6.15 -18.78
C PRO A 296 24.05 7.54 -18.58
N ILE A 297 24.01 8.01 -17.33
CA ILE A 297 23.52 9.36 -17.07
C ILE A 297 24.46 10.39 -17.66
N LEU A 298 25.77 10.12 -17.66
CA LEU A 298 26.70 11.03 -18.32
C LEU A 298 26.39 11.12 -19.82
N LEU A 299 26.13 9.98 -20.46
CA LEU A 299 25.77 10.02 -21.88
C LEU A 299 24.49 10.81 -22.10
N SER A 300 23.49 10.60 -21.24
CA SER A 300 22.24 11.34 -21.38
C SER A 300 22.47 12.83 -21.22
N SER A 301 23.32 13.23 -20.27
CA SER A 301 23.61 14.65 -20.07
C SER A 301 24.37 15.24 -21.24
N THR A 302 25.26 14.46 -21.86
CA THR A 302 25.89 14.90 -23.10
C THR A 302 24.83 15.21 -24.16
N PHE A 303 23.88 14.29 -24.35
CA PHE A 303 22.83 14.52 -25.32
C PHE A 303 22.04 15.78 -24.98
N ARG A 304 21.75 15.99 -23.69
CA ARG A 304 20.98 17.18 -23.31
C ARG A 304 21.77 18.46 -23.56
N TYR A 305 23.09 18.44 -23.33
CA TYR A 305 23.90 19.62 -23.61
C TYR A 305 23.88 19.93 -25.11
N LEU A 306 23.99 18.91 -25.96
CA LEU A 306 23.87 19.17 -27.40
C LEU A 306 22.49 19.69 -27.74
N ALA A 307 21.45 19.19 -27.08
CA ALA A 307 20.10 19.69 -27.30
C ALA A 307 20.02 21.18 -26.97
N ASP A 308 20.62 21.61 -25.86
CA ASP A 308 20.60 23.03 -25.50
C ASP A 308 21.39 23.87 -26.48
N LEU A 309 22.57 23.40 -26.90
CA LEU A 309 23.37 24.17 -27.84
C LEU A 309 22.66 24.33 -29.18
N LEU A 310 21.96 23.27 -29.64
CA LEU A 310 21.17 23.40 -30.86
C LEU A 310 19.92 24.24 -30.63
N GLY A 311 19.40 24.25 -29.40
CA GLY A 311 18.27 25.11 -29.09
C GLY A 311 18.63 26.57 -29.14
N PHE A 312 19.90 26.90 -28.91
CA PHE A 312 20.36 28.26 -29.16
C PHE A 312 20.66 28.45 -30.64
N ALA A 313 19.72 28.04 -31.50
CA ALA A 313 19.75 28.34 -32.92
C ALA A 313 18.54 29.13 -33.37
N GLY A 314 17.38 28.92 -32.72
CA GLY A 314 16.19 29.67 -33.05
C GLY A 314 16.39 31.17 -32.92
N PRO A 315 17.05 31.65 -31.89
CA PRO A 315 17.36 33.08 -31.83
C PRO A 315 18.02 33.61 -33.09
N LEU A 316 19.11 32.98 -33.54
CA LEU A 316 19.83 33.48 -34.70
C LEU A 316 18.97 33.41 -35.96
N CYS A 317 18.24 32.30 -36.13
CA CYS A 317 17.43 32.14 -37.34
C CYS A 317 16.33 33.19 -37.40
N ILE A 318 15.63 33.41 -36.27
CA ILE A 318 14.57 34.43 -36.27
C ILE A 318 15.18 35.81 -36.49
N SER A 319 16.33 36.09 -35.86
CA SER A 319 16.95 37.39 -36.03
C SER A 319 17.25 37.64 -37.51
N GLY A 320 17.85 36.66 -38.18
CA GLY A 320 18.14 36.81 -39.60
C GLY A 320 16.89 36.93 -40.45
N ILE A 321 15.85 36.15 -40.14
CA ILE A 321 14.61 36.22 -40.89
C ILE A 321 14.00 37.61 -40.77
N VAL A 322 13.95 38.15 -39.56
CA VAL A 322 13.37 39.47 -39.35
C VAL A 322 14.21 40.53 -40.05
N GLN A 323 15.54 40.44 -39.92
CA GLN A 323 16.42 41.38 -40.60
C GLN A 323 16.15 41.41 -42.10
N ARG A 324 16.09 40.23 -42.72
CA ARG A 324 15.96 40.19 -44.17
C ARG A 324 14.56 40.58 -44.63
N VAL A 325 13.53 40.06 -43.96
CA VAL A 325 12.15 40.36 -44.35
C VAL A 325 11.87 41.86 -44.19
N ASN A 326 12.26 42.42 -43.04
CA ASN A 326 12.00 43.83 -42.80
C ASN A 326 12.73 44.71 -43.81
N GLU A 327 13.97 44.36 -44.13
CA GLU A 327 14.76 45.12 -45.10
C GLU A 327 14.12 45.09 -46.48
N SER A 341 28.08 32.79 -49.64
CA SER A 341 29.17 33.72 -49.37
C SER A 341 28.70 34.77 -48.40
N LYS A 342 27.94 34.40 -47.40
CA LYS A 342 27.45 35.33 -46.39
C LYS A 342 26.30 36.16 -46.94
N GLU A 343 26.01 36.09 -48.24
CA GLU A 343 24.79 36.64 -48.83
C GLU A 343 23.79 35.55 -49.16
N PHE A 344 24.27 34.35 -49.50
CA PHE A 344 23.40 33.19 -49.62
C PHE A 344 22.76 32.83 -48.30
N LEU A 345 23.47 33.05 -47.19
CA LEU A 345 22.97 32.62 -45.89
C LEU A 345 21.83 33.49 -45.40
N GLU A 346 21.79 34.77 -45.78
CA GLU A 346 20.81 35.70 -45.25
C GLU A 346 19.45 35.58 -45.92
N ASN A 347 19.31 34.75 -46.95
CA ASN A 347 18.00 34.51 -47.52
C ASN A 347 17.08 33.91 -46.46
N ALA A 348 15.96 34.59 -46.20
CA ALA A 348 15.09 34.14 -45.12
C ALA A 348 14.65 32.70 -45.31
N HIS A 349 14.52 32.24 -46.55
CA HIS A 349 14.11 30.86 -46.80
C HIS A 349 15.20 29.87 -46.43
N VAL A 350 16.45 30.18 -46.76
CA VAL A 350 17.56 29.32 -46.37
C VAL A 350 17.63 29.21 -44.85
N LEU A 351 17.49 30.35 -44.16
CA LEU A 351 17.51 30.31 -42.69
C LEU A 351 16.31 29.58 -42.13
N ALA A 352 15.14 29.65 -42.79
CA ALA A 352 13.99 28.87 -42.34
C ALA A 352 14.28 27.37 -42.45
N VAL A 353 14.88 26.95 -43.57
CA VAL A 353 15.22 25.53 -43.71
C VAL A 353 16.23 25.12 -42.64
N LEU A 354 17.25 25.96 -42.41
CA LEU A 354 18.24 25.64 -41.40
C LEU A 354 17.60 25.57 -40.01
N LEU A 355 16.65 26.46 -39.73
CA LEU A 355 15.97 26.39 -38.43
C LEU A 355 15.20 25.10 -38.29
N PHE A 356 14.53 24.67 -39.36
CA PHE A 356 13.81 23.40 -39.30
C PHE A 356 14.77 22.25 -39.01
N LEU A 357 15.92 22.23 -39.68
CA LEU A 357 16.89 21.16 -39.46
C LEU A 357 17.41 21.19 -38.02
N ALA A 358 17.75 22.39 -37.53
CA ALA A 358 18.28 22.52 -36.19
C ALA A 358 17.24 22.07 -35.16
N LEU A 359 15.98 22.41 -35.39
CA LEU A 359 14.94 22.00 -34.45
C LEU A 359 14.77 20.49 -34.42
N ILE A 360 14.71 19.85 -35.60
CA ILE A 360 14.53 18.41 -35.60
C ILE A 360 15.72 17.74 -34.93
N LEU A 361 16.94 18.23 -35.18
CA LEU A 361 18.11 17.63 -34.56
C LEU A 361 18.11 17.84 -33.04
N GLN A 362 17.71 19.03 -32.57
CA GLN A 362 17.61 19.27 -31.14
C GLN A 362 16.62 18.31 -30.49
N ARG A 363 15.45 18.14 -31.12
CA ARG A 363 14.47 17.22 -30.56
C ARG A 363 15.00 15.79 -30.54
N THR A 364 15.72 15.40 -31.59
CA THR A 364 16.29 14.06 -31.62
C THR A 364 17.25 13.85 -30.45
N PHE A 365 18.15 14.80 -30.22
CA PHE A 365 19.11 14.65 -29.13
C PHE A 365 18.42 14.66 -27.77
N LEU A 366 17.43 15.54 -27.59
CA LEU A 366 16.70 15.55 -26.34
C LEU A 366 16.03 14.21 -26.07
N GLN A 367 15.43 13.62 -27.12
CA GLN A 367 14.77 12.33 -26.95
C GLN A 367 15.77 11.20 -26.74
N ALA A 368 16.97 11.29 -27.33
CA ALA A 368 18.01 10.31 -27.03
C ALA A 368 18.39 10.37 -25.56
N SER A 369 18.56 11.59 -25.03
CA SER A 369 18.82 11.72 -23.60
C SER A 369 17.71 11.08 -22.78
N TYR A 370 16.45 11.37 -23.15
CA TYR A 370 15.31 10.80 -22.43
C TYR A 370 15.35 9.28 -22.47
N TYR A 371 15.67 8.70 -23.62
CA TYR A 371 15.71 7.25 -23.74
C TYR A 371 16.79 6.67 -22.83
N VAL A 372 18.00 7.22 -22.88
CA VAL A 372 19.07 6.70 -22.04
C VAL A 372 18.65 6.77 -20.57
N THR A 373 18.05 7.89 -20.17
CA THR A 373 17.70 8.06 -18.77
C THR A 373 16.61 7.08 -18.34
N ILE A 374 15.60 6.85 -19.18
CA ILE A 374 14.55 5.92 -18.77
C ILE A 374 15.08 4.50 -18.72
N GLU A 375 15.99 4.15 -19.65
CA GLU A 375 16.64 2.84 -19.56
C GLU A 375 17.36 2.70 -18.23
N THR A 376 18.17 3.70 -17.87
CA THR A 376 18.91 3.63 -16.62
C THR A 376 17.97 3.56 -15.42
N GLY A 377 16.89 4.35 -15.45
CA GLY A 377 15.96 4.38 -14.33
C GLY A 377 15.23 3.06 -14.15
N ILE A 378 14.86 2.40 -15.25
CA ILE A 378 14.22 1.10 -15.13
C ILE A 378 15.20 0.06 -14.62
N ASN A 379 16.44 0.08 -15.13
CA ASN A 379 17.46 -0.82 -14.59
C ASN A 379 17.60 -0.62 -13.09
N LEU A 380 17.58 0.64 -12.65
CA LEU A 380 17.80 0.93 -11.23
C LEU A 380 16.59 0.55 -10.38
N ARG A 381 15.38 0.73 -10.91
CA ARG A 381 14.22 0.25 -10.18
C ARG A 381 14.28 -1.25 -9.98
N GLY A 382 14.66 -1.99 -11.04
CA GLY A 382 14.83 -3.42 -10.89
C GLY A 382 15.86 -3.77 -9.82
N ALA A 383 17.03 -3.10 -9.88
CA ALA A 383 18.08 -3.40 -8.92
C ALA A 383 17.63 -3.10 -7.48
N LEU A 384 16.95 -1.98 -7.28
CA LEU A 384 16.54 -1.61 -5.93
C LEU A 384 15.44 -2.52 -5.41
N LEU A 385 14.49 -2.92 -6.27
CA LEU A 385 13.50 -3.89 -5.84
C LEU A 385 14.17 -5.18 -5.41
N ALA A 386 15.15 -5.64 -6.19
CA ALA A 386 15.87 -6.85 -5.81
C ALA A 386 16.59 -6.68 -4.49
N MET A 387 17.21 -5.52 -4.26
CA MET A 387 17.91 -5.28 -3.00
C MET A 387 16.96 -5.33 -1.82
N ILE A 388 15.84 -4.59 -1.90
CA ILE A 388 14.93 -4.56 -0.77
C ILE A 388 14.29 -5.93 -0.58
N TYR A 389 14.14 -6.71 -1.65
CA TYR A 389 13.59 -8.06 -1.48
C TYR A 389 14.58 -8.98 -0.77
N ASN A 390 15.84 -8.99 -1.21
CA ASN A 390 16.83 -9.78 -0.51
C ASN A 390 17.08 -9.26 0.90
N LYS A 391 16.65 -8.04 1.20
CA LYS A 391 16.64 -7.57 2.57
C LYS A 391 15.45 -8.14 3.35
N ILE A 392 14.26 -8.13 2.75
CA ILE A 392 13.09 -8.68 3.43
C ILE A 392 13.34 -10.12 3.83
N LEU A 393 14.02 -10.89 2.97
CA LEU A 393 14.35 -12.27 3.28
C LEU A 393 15.42 -12.40 4.36
N ARG A 394 15.86 -11.30 4.95
CA ARG A 394 16.87 -11.35 6.01
C ARG A 394 16.52 -10.54 7.25
N LEU A 395 15.57 -9.63 7.19
CA LEU A 395 15.26 -8.82 8.36
C LEU A 395 14.72 -9.70 9.49
N SER A 396 14.95 -9.27 10.72
CA SER A 396 14.49 -10.01 11.88
C SER A 396 13.02 -9.76 12.13
N THR A 397 12.31 -10.81 12.56
CA THR A 397 10.89 -10.68 12.85
C THR A 397 10.65 -9.74 14.03
N SER A 398 11.64 -9.53 14.89
CA SER A 398 11.47 -8.59 16.00
C SER A 398 11.20 -7.18 15.50
N ASN A 399 11.70 -6.83 14.30
CA ASN A 399 11.44 -5.51 13.77
C ASN A 399 9.95 -5.27 13.59
N LEU A 400 9.22 -6.28 13.12
CA LEU A 400 7.79 -6.14 12.96
C LEU A 400 7.04 -6.41 14.27
N SER A 401 7.56 -7.31 15.10
CA SER A 401 6.86 -7.68 16.33
C SER A 401 7.03 -6.65 17.44
N MET A 402 8.18 -5.99 17.50
CA MET A 402 8.44 -5.00 18.54
C MET A 402 8.05 -3.58 18.11
N GLY A 403 7.46 -3.44 16.92
CA GLY A 403 6.92 -2.16 16.49
C GLY A 403 7.83 -1.29 15.67
N GLU A 404 9.04 -1.75 15.35
CA GLU A 404 9.95 -0.93 14.56
C GLU A 404 9.32 -0.55 13.22
N MET A 405 8.82 -1.53 12.48
CA MET A 405 8.25 -1.31 11.16
C MET A 405 7.01 -2.17 10.99
N THR A 406 6.32 -1.94 9.88
CA THR A 406 5.08 -2.64 9.56
C THR A 406 5.19 -3.27 8.18
N LEU A 407 4.50 -4.39 8.00
CA LEU A 407 4.39 -4.97 6.66
C LEU A 407 3.82 -3.96 5.68
N GLY A 408 2.90 -3.12 6.15
CA GLY A 408 2.37 -2.07 5.30
C GLY A 408 3.43 -1.09 4.84
N GLN A 409 4.39 -0.77 5.73
CA GLN A 409 5.46 0.13 5.33
C GLN A 409 6.32 -0.47 4.23
N ILE A 410 6.57 -1.78 4.28
CA ILE A 410 7.35 -2.43 3.24
C ILE A 410 6.58 -2.43 1.92
N ASN A 411 5.28 -2.76 1.98
CA ASN A 411 4.44 -2.64 0.80
C ASN A 411 4.50 -1.23 0.23
N ASN A 412 4.48 -0.22 1.11
CA ASN A 412 4.55 1.18 0.67
C ASN A 412 5.88 1.47 -0.01
N LEU A 413 6.99 1.05 0.60
CA LEU A 413 8.29 1.16 -0.04
C LEU A 413 8.17 0.70 -1.49
N VAL A 414 7.85 -0.59 -1.65
CA VAL A 414 7.85 -1.21 -2.98
C VAL A 414 6.94 -0.44 -3.93
N ALA A 415 5.73 -0.10 -3.48
CA ALA A 415 4.75 0.48 -4.38
C ALA A 415 5.13 1.90 -4.79
N ILE A 416 5.39 2.78 -3.84
CA ILE A 416 5.44 4.22 -4.09
C ILE A 416 6.87 4.73 -4.16
N GLU A 417 7.71 4.36 -3.20
CA GLU A 417 8.94 5.15 -3.01
C GLU A 417 9.98 4.84 -4.08
N THR A 418 10.10 3.56 -4.46
CA THR A 418 11.02 3.23 -5.56
C THR A 418 10.56 3.88 -6.86
N ASN A 419 9.24 3.92 -7.09
CA ASN A 419 8.72 4.59 -8.28
C ASN A 419 9.04 6.07 -8.27
N GLN A 420 8.91 6.72 -7.11
CA GLN A 420 9.25 8.15 -7.04
C GLN A 420 10.73 8.39 -7.30
N LEU A 421 11.60 7.52 -6.75
CA LEU A 421 13.02 7.63 -7.06
C LEU A 421 13.27 7.47 -8.55
N MET A 422 12.56 6.51 -9.18
CA MET A 422 12.71 6.30 -10.61
C MET A 422 12.30 7.53 -11.42
N TRP A 423 11.19 8.16 -11.04
CA TRP A 423 10.75 9.36 -11.75
C TRP A 423 11.76 10.49 -11.58
N PHE A 424 12.28 10.66 -10.36
CA PHE A 424 13.32 11.67 -10.18
C PHE A 424 14.51 11.39 -11.07
N LEU A 425 14.92 10.12 -11.17
CA LEU A 425 16.04 9.79 -12.04
C LEU A 425 15.72 10.07 -13.50
N PHE A 426 14.47 9.87 -13.90
CA PHE A 426 14.05 10.26 -15.25
C PHE A 426 14.34 11.75 -15.48
N LEU A 427 13.96 12.59 -14.52
CA LEU A 427 14.12 14.03 -14.70
C LEU A 427 15.49 14.56 -14.28
N CYS A 428 16.37 13.71 -13.76
CA CYS A 428 17.58 14.21 -13.10
C CYS A 428 18.52 15.01 -14.00
N PRO A 429 18.71 14.69 -15.28
CA PRO A 429 19.68 15.48 -16.07
C PRO A 429 19.33 16.96 -16.15
N ASN A 430 18.06 17.32 -15.99
CA ASN A 430 17.69 18.73 -15.98
C ASN A 430 18.45 19.50 -14.91
N LEU A 431 18.70 18.87 -13.76
CA LEU A 431 19.32 19.58 -12.64
C LEU A 431 20.67 20.17 -13.00
N TRP A 432 21.38 19.59 -13.96
CA TRP A 432 22.64 20.14 -14.43
C TRP A 432 22.63 20.54 -15.89
N ALA A 433 21.50 20.39 -16.59
CA ALA A 433 21.37 20.92 -17.94
C ALA A 433 20.69 22.28 -18.00
N MET A 434 19.81 22.59 -17.04
CA MET A 434 19.10 23.87 -17.02
C MET A 434 20.04 24.99 -16.56
N PRO A 435 20.85 24.76 -15.53
CA PRO A 435 21.83 25.80 -15.16
C PRO A 435 22.74 26.19 -16.31
N VAL A 436 23.30 25.21 -17.01
CA VAL A 436 24.19 25.49 -18.13
C VAL A 436 23.45 26.29 -19.19
N GLN A 437 22.23 25.86 -19.53
CA GLN A 437 21.49 26.52 -20.60
C GLN A 437 21.18 27.97 -20.23
N ILE A 438 20.70 28.20 -19.01
CA ILE A 438 20.36 29.55 -18.60
C ILE A 438 21.59 30.44 -18.59
N ILE A 439 22.71 29.93 -18.08
CA ILE A 439 23.93 30.72 -18.06
C ILE A 439 24.38 31.06 -19.47
N MET A 440 24.37 30.08 -20.37
CA MET A 440 24.80 30.32 -21.75
C MET A 440 23.90 31.36 -22.42
N GLY A 441 22.58 31.23 -22.22
CA GLY A 441 21.67 32.20 -22.78
C GLY A 441 21.88 33.59 -22.22
N VAL A 442 22.25 33.69 -20.95
CA VAL A 442 22.58 35.00 -20.39
C VAL A 442 23.84 35.56 -21.02
N ILE A 443 24.82 34.71 -21.30
CA ILE A 443 26.02 35.18 -22.00
C ILE A 443 25.66 35.76 -23.36
N LEU A 444 24.81 35.05 -24.11
CA LEU A 444 24.39 35.55 -25.42
C LEU A 444 23.55 36.81 -25.31
N LEU A 445 22.72 36.92 -24.25
CA LEU A 445 22.01 38.16 -24.01
C LEU A 445 22.97 39.31 -23.74
N TYR A 446 24.06 39.04 -23.02
CA TYR A 446 25.09 40.06 -22.85
C TYR A 446 25.65 40.49 -24.20
N ASN A 447 25.94 39.52 -25.06
CA ASN A 447 26.44 39.85 -26.39
C ASN A 447 25.48 40.78 -27.13
N LEU A 448 24.19 40.46 -27.09
CA LEU A 448 23.22 41.23 -27.86
C LEU A 448 22.99 42.60 -27.26
N LEU A 449 22.48 42.65 -26.02
CA LEU A 449 22.08 43.91 -25.41
C LEU A 449 23.29 44.73 -24.95
N GLY A 450 24.12 44.14 -24.10
CA GLY A 450 25.24 44.85 -23.51
C GLY A 450 25.28 44.69 -22.01
N SER A 451 25.85 45.67 -21.31
CA SER A 451 25.88 45.59 -19.84
C SER A 451 24.48 45.52 -19.25
N SER A 452 23.49 46.09 -19.96
CA SER A 452 22.12 46.06 -19.48
C SER A 452 21.70 44.64 -19.11
N ALA A 453 22.05 43.66 -19.95
CA ALA A 453 21.61 42.30 -19.71
C ALA A 453 21.97 41.84 -18.31
N LEU A 454 23.12 42.30 -17.78
CA LEU A 454 23.55 41.85 -16.47
C LEU A 454 22.46 42.06 -15.42
N VAL A 455 21.77 43.21 -15.47
CA VAL A 455 20.65 43.43 -14.55
C VAL A 455 19.72 42.22 -14.58
N GLY A 456 19.18 41.94 -15.77
CA GLY A 456 18.35 40.75 -15.91
C GLY A 456 19.04 39.51 -15.39
N ALA A 457 20.32 39.34 -15.73
CA ALA A 457 21.07 38.19 -15.24
C ALA A 457 20.92 38.07 -13.73
N ALA A 458 21.15 39.17 -13.01
CA ALA A 458 20.99 39.14 -11.56
C ALA A 458 19.61 38.63 -11.18
N VAL A 459 18.57 39.22 -11.76
CA VAL A 459 17.21 38.83 -11.40
C VAL A 459 16.98 37.36 -11.71
N ILE A 460 17.69 36.82 -12.70
CA ILE A 460 17.57 35.39 -12.99
C ILE A 460 18.27 34.57 -11.92
N VAL A 461 19.47 34.99 -11.51
CA VAL A 461 20.24 34.22 -10.52
C VAL A 461 19.49 34.13 -9.19
N LEU A 462 18.59 35.06 -8.91
CA LEU A 462 17.81 34.97 -7.68
C LEU A 462 16.98 33.69 -7.61
N LEU A 463 16.72 33.06 -8.75
CA LEU A 463 16.05 31.77 -8.72
C LEU A 463 16.81 30.76 -7.88
N ALA A 464 18.15 30.83 -7.88
CA ALA A 464 18.92 29.80 -7.21
C ALA A 464 18.74 29.84 -5.70
N PRO A 465 18.99 30.95 -5.01
CA PRO A 465 18.72 30.96 -3.57
C PRO A 465 17.26 30.65 -3.27
N ILE A 466 16.35 31.45 -3.86
CA ILE A 466 14.92 31.30 -3.58
C ILE A 466 14.52 29.83 -3.68
N GLN A 467 14.73 29.24 -4.84
CA GLN A 467 14.36 27.84 -5.05
C GLN A 467 14.93 26.97 -3.93
N TYR A 468 16.23 27.09 -3.66
CA TYR A 468 16.84 26.32 -2.58
C TYR A 468 16.00 26.44 -1.31
N PHE A 469 15.77 27.68 -0.87
CA PHE A 469 14.93 27.91 0.30
C PHE A 469 13.63 27.12 0.17
N ILE A 470 12.86 27.38 -0.90
CA ILE A 470 11.62 26.66 -1.12
C ILE A 470 11.85 25.17 -0.92
N ALA A 471 12.83 24.61 -1.62
CA ALA A 471 13.09 23.18 -1.54
C ALA A 471 13.15 22.72 -0.09
N THR A 472 14.00 23.37 0.71
CA THR A 472 14.11 23.01 2.11
C THR A 472 12.72 22.88 2.74
N LYS A 473 11.94 23.95 2.70
CA LYS A 473 10.60 23.90 3.29
C LYS A 473 9.81 22.73 2.73
N LEU A 474 9.76 22.60 1.40
CA LEU A 474 9.04 21.49 0.81
C LEU A 474 9.49 20.18 1.45
N ALA A 475 10.82 19.97 1.51
CA ALA A 475 11.34 18.75 2.13
C ALA A 475 10.66 18.52 3.47
N GLU A 476 10.78 19.48 4.39
CA GLU A 476 10.14 19.34 5.69
C GLU A 476 8.69 18.87 5.52
N ALA A 477 7.89 19.67 4.80
CA ALA A 477 6.49 19.33 4.63
C ALA A 477 6.35 17.89 4.18
N GLN A 478 7.06 17.52 3.12
CA GLN A 478 6.92 16.18 2.57
C GLN A 478 7.16 15.14 3.65
N LYS A 479 8.27 15.27 4.37
CA LYS A 479 8.56 14.32 5.45
C LYS A 479 7.33 14.19 6.35
N SER A 480 6.87 15.31 6.90
CA SER A 480 5.69 15.28 7.75
C SER A 480 4.57 14.50 7.07
N THR A 481 4.19 14.94 5.86
CA THR A 481 3.14 14.24 5.12
C THR A 481 3.37 12.74 5.21
N LEU A 482 4.52 12.28 4.72
CA LEU A 482 4.80 10.85 4.70
C LEU A 482 4.42 10.24 6.05
N ASP A 483 5.05 10.73 7.12
CA ASP A 483 4.79 10.22 8.45
C ASP A 483 3.29 10.03 8.67
N TYR A 484 2.55 11.14 8.63
CA TYR A 484 1.12 11.07 8.92
C TYR A 484 0.45 10.04 8.03
N SER A 485 0.71 10.12 6.72
CA SER A 485 0.10 9.15 5.80
C SER A 485 0.31 7.74 6.33
N THR A 486 1.56 7.37 6.59
CA THR A 486 1.86 6.06 7.14
C THR A 486 0.91 5.75 8.29
N GLU A 487 0.97 6.56 9.35
CA GLU A 487 0.11 6.35 10.50
C GLU A 487 -1.33 6.12 10.05
N ARG A 488 -1.86 7.08 9.28
CA ARG A 488 -3.25 6.98 8.85
C ARG A 488 -3.50 5.63 8.20
N LEU A 489 -2.66 5.27 7.22
CA LEU A 489 -2.89 4.02 6.50
C LEU A 489 -2.88 2.85 7.47
N LYS A 490 -1.92 2.82 8.39
CA LYS A 490 -1.91 1.79 9.41
C LYS A 490 -3.30 1.62 9.99
N LYS A 491 -3.85 2.70 10.54
CA LYS A 491 -5.18 2.65 11.12
C LYS A 491 -6.18 2.10 10.12
N THR A 492 -6.19 2.68 8.91
CA THR A 492 -7.13 2.21 7.90
C THR A 492 -7.00 0.71 7.72
N ASN A 493 -5.77 0.22 7.54
CA ASN A 493 -5.57 -1.21 7.35
C ASN A 493 -6.25 -1.98 8.47
N GLU A 494 -5.99 -1.59 9.72
CA GLU A 494 -6.58 -2.29 10.85
C GLU A 494 -8.10 -2.24 10.79
N ILE A 495 -8.65 -1.07 10.49
CA ILE A 495 -10.11 -0.96 10.40
C ILE A 495 -10.64 -1.98 9.40
N LEU A 496 -9.94 -2.15 8.28
CA LEU A 496 -10.41 -3.05 7.25
C LEU A 496 -10.20 -4.52 7.61
N LYS A 497 -9.27 -4.82 8.51
CA LYS A 497 -9.08 -6.22 8.90
C LYS A 497 -10.00 -6.62 10.05
N GLY A 498 -10.24 -5.71 10.99
CA GLY A 498 -11.06 -6.01 12.14
C GLY A 498 -12.45 -5.39 12.06
N ILE A 499 -12.94 -5.18 10.84
CA ILE A 499 -14.20 -4.47 10.68
C ILE A 499 -15.34 -5.26 11.32
N LYS A 500 -15.25 -6.58 11.32
CA LYS A 500 -16.32 -7.39 11.92
C LYS A 500 -16.44 -7.13 13.41
N LEU A 501 -15.30 -7.08 14.11
CA LEU A 501 -15.33 -6.80 15.55
C LEU A 501 -15.78 -5.37 15.81
N LEU A 502 -15.24 -4.42 15.06
CA LEU A 502 -15.66 -3.02 15.22
C LEU A 502 -17.18 -2.90 15.07
N LYS A 503 -17.74 -3.58 14.08
CA LYS A 503 -19.17 -3.49 13.83
C LYS A 503 -19.95 -4.15 14.97
N LEU A 504 -19.55 -5.37 15.35
CA LEU A 504 -20.27 -6.06 16.42
C LEU A 504 -20.20 -5.31 17.74
N TYR A 505 -19.19 -4.46 17.93
CA TYR A 505 -19.06 -3.68 19.15
C TYR A 505 -19.55 -2.24 19.00
N ALA A 506 -19.97 -1.84 17.81
CA ALA A 506 -20.50 -0.51 17.54
C ALA A 506 -19.44 0.58 17.61
N TRP A 507 -18.16 0.22 17.50
CA TRP A 507 -17.06 1.18 17.59
C TRP A 507 -16.60 1.71 16.24
N GLU A 508 -17.21 1.26 15.14
CA GLU A 508 -16.79 1.67 13.80
C GLU A 508 -16.54 3.17 13.70
N HIS A 509 -17.50 3.98 14.17
CA HIS A 509 -17.39 5.42 13.99
C HIS A 509 -16.23 6.02 14.78
N ILE A 510 -15.91 5.46 15.95
CA ILE A 510 -14.82 6.01 16.76
C ILE A 510 -13.50 5.86 16.03
N PHE A 511 -13.21 4.65 15.55
CA PHE A 511 -11.98 4.41 14.80
C PHE A 511 -11.96 5.23 13.52
N CYS A 512 -13.11 5.35 12.85
CA CYS A 512 -13.19 6.19 11.67
C CYS A 512 -12.82 7.63 11.98
N LYS A 513 -13.28 8.14 13.13
CA LYS A 513 -12.97 9.52 13.51
C LYS A 513 -11.48 9.69 13.80
N SER A 514 -10.85 8.70 14.45
CA SER A 514 -9.41 8.79 14.65
C SER A 514 -8.68 8.83 13.30
N VAL A 515 -9.10 7.99 12.36
CA VAL A 515 -8.52 8.02 11.03
C VAL A 515 -8.68 9.41 10.41
N GLU A 516 -9.86 10.00 10.55
CA GLU A 516 -10.10 11.31 9.96
C GLU A 516 -9.23 12.39 10.59
N GLU A 517 -8.96 12.28 11.90
CA GLU A 517 -8.07 13.25 12.54
C GLU A 517 -6.66 13.14 11.97
N THR A 518 -6.14 11.91 11.87
CA THR A 518 -4.82 11.75 11.25
C THR A 518 -4.83 12.29 9.82
N ARG A 519 -5.95 12.09 9.11
CA ARG A 519 -6.07 12.63 7.76
C ARG A 519 -6.03 14.14 7.74
N MET A 520 -6.65 14.79 8.73
CA MET A 520 -6.60 16.25 8.81
C MET A 520 -5.17 16.72 8.99
N LYS A 521 -4.40 16.05 9.85
CA LYS A 521 -2.99 16.41 10.00
C LYS A 521 -2.23 16.25 8.68
N GLU A 522 -2.46 15.11 8.00
CA GLU A 522 -1.79 14.89 6.72
C GLU A 522 -2.17 15.99 5.73
N LEU A 523 -3.43 16.42 5.74
CA LEU A 523 -3.87 17.45 4.80
C LEU A 523 -3.26 18.80 5.14
N SER A 524 -3.04 19.09 6.42
CA SER A 524 -2.31 20.32 6.76
C SER A 524 -0.89 20.28 6.19
N SER A 525 -0.22 19.13 6.34
CA SER A 525 1.12 19.00 5.76
C SER A 525 1.07 19.18 4.25
N LEU A 526 0.09 18.56 3.59
CA LEU A 526 -0.04 18.69 2.14
C LEU A 526 -0.36 20.12 1.73
N LYS A 527 -1.09 20.86 2.56
CA LYS A 527 -1.37 22.25 2.24
C LYS A 527 -0.11 23.10 2.31
N THR A 528 0.73 22.88 3.32
CA THR A 528 2.01 23.58 3.34
C THR A 528 2.82 23.25 2.10
N PHE A 529 2.89 21.95 1.76
CA PHE A 529 3.63 21.55 0.57
C PHE A 529 3.08 22.24 -0.67
N ALA A 530 1.76 22.31 -0.81
CA ALA A 530 1.15 22.90 -1.99
C ALA A 530 1.38 24.40 -2.05
N LEU A 531 1.32 25.07 -0.89
CA LEU A 531 1.60 26.51 -0.87
C LEU A 531 3.03 26.78 -1.34
N TYR A 532 3.99 26.00 -0.87
CA TYR A 532 5.36 26.22 -1.32
C TYR A 532 5.55 25.83 -2.78
N THR A 533 4.81 24.83 -3.27
CA THR A 533 4.83 24.53 -4.70
C THR A 533 4.32 25.73 -5.50
N SER A 534 3.23 26.33 -5.04
CA SER A 534 2.67 27.47 -5.76
C SER A 534 3.65 28.65 -5.74
N LEU A 535 4.33 28.85 -4.61
CA LEU A 535 5.34 29.91 -4.57
C LEU A 535 6.48 29.61 -5.53
N SER A 536 6.87 28.34 -5.64
CA SER A 536 7.87 27.94 -6.61
C SER A 536 7.44 28.31 -8.02
N ILE A 537 6.20 28.00 -8.36
CA ILE A 537 5.68 28.32 -9.68
C ILE A 537 5.67 29.83 -9.89
N PHE A 538 5.23 30.58 -8.88
CA PHE A 538 5.20 32.04 -8.99
C PHE A 538 6.59 32.58 -9.29
N MET A 539 7.60 32.11 -8.57
CA MET A 539 8.96 32.59 -8.81
C MET A 539 9.42 32.22 -10.21
N ASN A 540 9.25 30.95 -10.60
CA ASN A 540 9.73 30.51 -11.91
C ASN A 540 9.05 31.26 -13.04
N ALA A 541 7.79 31.68 -12.87
CA ALA A 541 7.08 32.36 -13.93
C ALA A 541 7.23 33.88 -13.88
N ALA A 542 7.58 34.44 -12.72
CA ALA A 542 7.63 35.90 -12.58
C ALA A 542 9.04 36.46 -12.62
N ILE A 543 10.06 35.68 -12.29
CA ILE A 543 11.44 36.17 -12.35
C ILE A 543 11.80 36.39 -13.82
N PRO A 544 11.36 35.55 -14.74
CA PRO A 544 11.49 35.92 -16.17
C PRO A 544 10.89 37.27 -16.50
N ILE A 545 9.65 37.53 -16.08
CA ILE A 545 9.00 38.80 -16.43
C ILE A 545 9.76 39.97 -15.82
N ALA A 546 10.11 39.85 -14.54
CA ALA A 546 10.83 40.93 -13.86
C ALA A 546 12.21 41.14 -14.47
N ALA A 547 12.88 40.06 -14.86
CA ALA A 547 14.18 40.17 -15.51
C ALA A 547 14.06 40.89 -16.85
N VAL A 548 13.04 40.54 -17.63
CA VAL A 548 12.82 41.23 -18.90
C VAL A 548 12.60 42.72 -18.65
N LEU A 549 11.72 43.05 -17.70
CA LEU A 549 11.45 44.45 -17.39
C LEU A 549 12.74 45.17 -17.01
N ALA A 550 13.50 44.61 -16.06
CA ALA A 550 14.70 45.26 -15.58
C ALA A 550 15.69 45.46 -16.73
N THR A 551 15.92 44.40 -17.51
CA THR A 551 16.88 44.48 -18.60
C THR A 551 16.52 45.59 -19.58
N PHE A 552 15.26 45.60 -20.05
CA PHE A 552 14.90 46.52 -21.11
C PHE A 552 14.72 47.95 -20.61
N VAL A 553 14.32 48.15 -19.36
CA VAL A 553 14.30 49.51 -18.81
C VAL A 553 15.72 50.02 -18.60
N THR A 554 16.61 49.16 -18.09
CA THR A 554 18.01 49.55 -17.96
C THR A 554 18.59 49.92 -19.32
N HIS A 555 18.24 49.18 -20.36
CA HIS A 555 18.73 49.51 -21.70
C HIS A 555 18.12 50.80 -22.21
N ALA A 556 16.84 51.02 -21.92
CA ALA A 556 16.20 52.26 -22.35
C ALA A 556 16.86 53.48 -21.73
N TYR A 557 17.34 53.35 -20.48
CA TYR A 557 17.96 54.47 -19.79
C TYR A 557 19.48 54.37 -19.71
N ALA A 558 20.09 53.45 -20.44
CA ALA A 558 21.55 53.35 -20.53
C ALA A 558 22.06 53.62 -21.94
N SER A 559 21.54 52.91 -22.94
CA SER A 559 21.94 53.09 -24.33
C SER A 559 20.95 54.01 -25.01
N GLY A 560 21.38 55.24 -25.30
CA GLY A 560 20.54 56.14 -26.08
C GLY A 560 20.17 55.55 -27.43
N ASN A 561 21.12 54.86 -28.06
CA ASN A 561 20.82 54.11 -29.27
C ASN A 561 19.77 53.05 -28.99
N ASN A 562 18.71 53.06 -29.79
CA ASN A 562 17.60 52.14 -29.59
C ASN A 562 17.92 50.79 -30.23
N LEU A 563 17.26 49.76 -29.72
CA LEU A 563 17.43 48.42 -30.28
C LEU A 563 16.80 48.36 -31.66
N LYS A 564 17.60 48.04 -32.67
CA LYS A 564 17.07 47.78 -33.99
C LYS A 564 16.22 46.51 -33.94
N PRO A 565 15.32 46.34 -34.90
CA PRO A 565 14.39 45.20 -34.82
C PRO A 565 15.09 43.85 -34.63
N ALA A 566 16.25 43.66 -35.28
CA ALA A 566 16.96 42.39 -35.17
C ALA A 566 17.45 42.17 -33.74
N GLU A 567 18.09 43.18 -33.14
CA GLU A 567 18.52 43.07 -31.76
C GLU A 567 17.32 42.76 -30.85
N ALA A 568 16.22 43.47 -31.07
CA ALA A 568 15.04 43.27 -30.23
C ALA A 568 14.55 41.84 -30.27
N PHE A 569 14.33 41.31 -31.48
CA PHE A 569 13.77 39.97 -31.59
C PHE A 569 14.77 38.92 -31.15
N ALA A 570 16.06 39.13 -31.38
CA ALA A 570 17.06 38.20 -30.86
C ALA A 570 17.02 38.16 -29.34
N SER A 571 16.95 39.33 -28.69
CA SER A 571 16.91 39.36 -27.23
C SER A 571 15.65 38.69 -26.70
N LEU A 572 14.50 39.03 -27.28
CA LEU A 572 13.25 38.44 -26.81
C LEU A 572 13.24 36.93 -27.02
N SER A 573 13.81 36.48 -28.15
CA SER A 573 13.89 35.04 -28.40
C SER A 573 14.80 34.35 -27.38
N LEU A 574 15.93 34.97 -27.07
CA LEU A 574 16.80 34.39 -26.04
C LEU A 574 16.08 34.32 -24.70
N PHE A 575 15.26 35.33 -24.39
CA PHE A 575 14.50 35.28 -23.15
C PHE A 575 13.49 34.14 -23.17
N HIS A 576 12.85 33.89 -24.31
CA HIS A 576 11.97 32.72 -24.42
C HIS A 576 12.75 31.42 -24.20
N ILE A 577 13.96 31.34 -24.78
CA ILE A 577 14.79 30.14 -24.60
C ILE A 577 15.14 29.97 -23.13
N LEU A 578 15.34 31.06 -22.39
CA LEU A 578 15.56 30.96 -20.96
C LEU A 578 14.30 30.49 -20.24
N VAL A 579 13.15 31.01 -20.64
CA VAL A 579 11.90 30.68 -19.95
C VAL A 579 11.62 29.19 -20.09
N THR A 580 11.96 28.61 -21.25
CA THR A 580 11.60 27.21 -21.50
C THR A 580 12.10 26.26 -20.43
N PRO A 581 13.38 26.25 -20.07
CA PRO A 581 13.82 25.36 -18.98
C PRO A 581 13.15 25.67 -17.65
N LEU A 582 12.83 26.93 -17.37
CA LEU A 582 12.16 27.26 -16.12
C LEU A 582 10.74 26.72 -16.06
N PHE A 583 10.19 26.27 -17.18
CA PHE A 583 8.86 25.64 -17.14
C PHE A 583 8.89 24.39 -16.28
N LEU A 584 9.95 23.60 -16.38
CA LEU A 584 10.05 22.32 -15.67
C LEU A 584 10.82 22.42 -14.37
N LEU A 585 11.32 23.60 -14.00
CA LEU A 585 12.10 23.71 -12.77
C LEU A 585 11.27 23.32 -11.55
N SER A 586 10.01 23.74 -11.52
CA SER A 586 9.12 23.37 -10.42
C SER A 586 9.04 21.85 -10.28
N THR A 587 8.85 21.15 -11.40
CA THR A 587 8.72 19.70 -11.35
C THR A 587 10.00 19.06 -10.84
N VAL A 588 11.16 19.52 -11.32
CA VAL A 588 12.41 18.87 -10.93
C VAL A 588 12.67 19.10 -9.44
N VAL A 589 12.44 20.31 -8.94
CA VAL A 589 12.66 20.54 -7.50
C VAL A 589 11.69 19.69 -6.69
N ARG A 590 10.43 19.62 -7.09
CA ARG A 590 9.46 18.80 -6.38
C ARG A 590 9.91 17.35 -6.33
N PHE A 591 10.23 16.78 -7.49
CA PHE A 591 10.58 15.36 -7.54
C PHE A 591 11.90 15.10 -6.84
N ALA A 592 12.85 16.04 -6.89
CA ALA A 592 14.11 15.85 -6.17
C ALA A 592 13.87 15.83 -4.67
N VAL A 593 13.02 16.71 -4.16
CA VAL A 593 12.72 16.67 -2.73
C VAL A 593 12.08 15.34 -2.35
N LYS A 594 11.04 14.94 -3.09
CA LYS A 594 10.36 13.70 -2.76
C LYS A 594 11.30 12.50 -2.87
N ALA A 595 12.21 12.52 -3.85
CA ALA A 595 13.15 11.43 -4.02
C ALA A 595 14.18 11.40 -2.90
N ILE A 596 14.62 12.57 -2.43
CA ILE A 596 15.52 12.59 -1.28
C ILE A 596 14.86 11.93 -0.08
N ILE A 597 13.58 12.26 0.17
CA ILE A 597 12.88 11.67 1.30
C ILE A 597 12.75 10.15 1.12
N SER A 598 12.35 9.72 -0.09
CA SER A 598 12.16 8.30 -0.33
C SER A 598 13.48 7.54 -0.18
N VAL A 599 14.59 8.14 -0.62
CA VAL A 599 15.87 7.47 -0.47
C VAL A 599 16.31 7.43 0.98
N GLN A 600 15.96 8.44 1.77
CA GLN A 600 16.17 8.33 3.21
C GLN A 600 15.46 7.10 3.76
N LYS A 601 14.18 6.93 3.38
CA LYS A 601 13.45 5.76 3.86
C LYS A 601 14.10 4.46 3.41
N LEU A 602 14.51 4.39 2.15
CA LEU A 602 15.10 3.16 1.62
C LEU A 602 16.42 2.84 2.31
N ASN A 603 17.24 3.86 2.57
CA ASN A 603 18.49 3.65 3.29
C ASN A 603 18.21 3.12 4.69
N GLU A 604 17.25 3.74 5.39
CA GLU A 604 16.87 3.25 6.71
C GLU A 604 16.48 1.78 6.66
N PHE A 605 15.65 1.41 5.69
CA PHE A 605 15.19 0.03 5.61
C PHE A 605 16.33 -0.93 5.28
N LEU A 606 17.25 -0.51 4.41
CA LEU A 606 18.39 -1.34 4.06
C LEU A 606 19.44 -1.38 5.16
N LEU A 607 19.28 -0.60 6.23
CA LEU A 607 20.16 -0.70 7.38
C LEU A 607 19.42 -1.12 8.65
N SER A 608 18.56 -2.13 8.54
CA SER A 608 17.77 -2.61 9.66
C SER A 608 18.34 -3.91 10.21
N ASP A 609 17.80 -4.33 11.36
CA ASP A 609 18.27 -5.52 12.03
C ASP A 609 18.05 -6.76 11.17
N GLU A 610 18.99 -7.71 11.26
CA GLU A 610 18.93 -8.95 10.50
C GLU A 610 19.18 -10.13 11.43
N ILE A 611 18.56 -11.27 11.10
CA ILE A 611 18.79 -12.48 11.88
C ILE A 611 20.26 -12.84 11.85
N GLY A 612 20.76 -13.39 12.96
CA GLY A 612 22.15 -13.78 13.06
C GLY A 612 22.57 -14.80 12.03
N ASP A 665 20.17 -40.60 20.07
CA ASP A 665 19.88 -40.04 18.75
C ASP A 665 19.04 -38.77 18.87
N VAL A 666 19.70 -37.62 18.84
CA VAL A 666 19.06 -36.32 18.99
C VAL A 666 19.10 -35.60 17.65
N ALA A 667 17.94 -35.11 17.21
CA ALA A 667 17.91 -34.27 16.01
C ALA A 667 18.37 -32.85 16.33
N ILE A 668 17.80 -32.26 17.39
CA ILE A 668 18.19 -30.93 17.85
C ILE A 668 18.47 -31.02 19.35
N LYS A 669 19.68 -30.65 19.74
CA LYS A 669 20.08 -30.59 21.15
C LYS A 669 20.39 -29.15 21.50
N VAL A 670 19.61 -28.58 22.41
CA VAL A 670 19.84 -27.21 22.87
C VAL A 670 20.49 -27.27 24.24
N THR A 671 21.56 -26.52 24.43
CA THR A 671 22.26 -26.51 25.71
C THR A 671 22.42 -25.07 26.20
N ASN A 672 21.97 -24.84 27.44
CA ASN A 672 22.14 -23.59 28.17
C ASN A 672 21.82 -22.37 27.29
N GLY A 673 20.62 -22.39 26.73
CA GLY A 673 20.17 -21.32 25.85
C GLY A 673 19.38 -20.27 26.60
N TYR A 674 19.63 -19.01 26.27
CA TYR A 674 18.96 -17.85 26.87
C TYR A 674 18.39 -16.97 25.77
N PHE A 675 17.70 -17.59 24.81
CA PHE A 675 17.20 -16.87 23.66
C PHE A 675 16.24 -15.77 24.08
N SER A 676 16.38 -14.61 23.46
CA SER A 676 15.56 -13.45 23.75
C SER A 676 14.89 -12.94 22.47
N TRP A 677 13.84 -12.15 22.64
CA TRP A 677 13.03 -11.66 21.53
C TRP A 677 13.34 -10.21 21.16
N GLY A 678 14.61 -9.81 21.26
CA GLY A 678 15.05 -8.53 20.76
C GLY A 678 15.02 -7.39 21.76
N SER A 679 14.42 -7.59 22.94
CA SER A 679 14.33 -6.54 23.95
C SER A 679 15.43 -6.65 25.00
N GLY A 680 16.37 -7.56 24.82
CA GLY A 680 17.39 -7.79 25.83
C GLY A 680 16.90 -8.51 27.07
N LEU A 681 15.64 -8.89 27.11
CA LEU A 681 15.04 -9.59 28.26
C LEU A 681 14.79 -11.04 27.84
N ALA A 682 15.39 -11.98 28.58
CA ALA A 682 15.31 -13.38 28.21
C ALA A 682 13.88 -13.90 28.40
N THR A 683 13.24 -14.29 27.30
CA THR A 683 11.95 -14.96 27.37
C THR A 683 12.11 -16.46 27.60
N LEU A 684 13.27 -17.02 27.25
CA LEU A 684 13.59 -18.41 27.52
C LEU A 684 14.91 -18.43 28.29
N SER A 685 14.94 -19.15 29.40
CA SER A 685 16.12 -19.20 30.26
C SER A 685 16.44 -20.65 30.61
N ASN A 686 17.72 -21.00 30.52
CA ASN A 686 18.20 -22.34 30.88
C ASN A 686 17.41 -23.42 30.13
N ILE A 687 17.29 -23.22 28.82
CA ILE A 687 16.60 -24.17 27.96
C ILE A 687 17.53 -25.36 27.72
N ASP A 688 17.18 -26.52 28.29
CA ASP A 688 17.90 -27.77 28.06
C ASP A 688 16.89 -28.78 27.52
N ILE A 689 16.90 -28.96 26.20
CA ILE A 689 15.94 -29.84 25.54
C ILE A 689 16.69 -30.84 24.65
N ARG A 690 16.00 -31.92 24.33
CA ARG A 690 16.48 -32.93 23.39
C ARG A 690 15.29 -33.44 22.61
N ILE A 691 15.29 -33.19 21.30
CA ILE A 691 14.25 -33.70 20.42
C ILE A 691 14.77 -34.99 19.80
N PRO A 692 14.40 -36.17 20.30
CA PRO A 692 14.96 -37.41 19.77
C PRO A 692 14.55 -37.62 18.32
N THR A 693 15.46 -38.21 17.56
CA THR A 693 15.23 -38.41 16.13
C THR A 693 14.19 -39.50 15.89
N GLY A 694 13.28 -39.23 14.96
CA GLY A 694 12.27 -40.21 14.59
C GLY A 694 11.29 -40.54 15.69
N GLN A 695 10.95 -39.57 16.54
CA GLN A 695 9.97 -39.77 17.60
C GLN A 695 9.10 -38.52 17.69
N LEU A 696 8.02 -38.63 18.47
CA LEU A 696 7.07 -37.54 18.61
C LEU A 696 7.38 -36.77 19.90
N THR A 697 7.70 -35.50 19.75
CA THR A 697 7.94 -34.59 20.87
C THR A 697 6.75 -33.66 20.99
N MET A 698 6.09 -33.69 22.14
CA MET A 698 4.98 -32.80 22.44
C MET A 698 5.43 -31.79 23.47
N ILE A 699 5.43 -30.52 23.09
CA ILE A 699 5.78 -29.42 23.99
C ILE A 699 4.47 -28.87 24.53
N VAL A 700 4.27 -29.01 25.84
CA VAL A 700 3.00 -28.70 26.47
C VAL A 700 3.24 -27.73 27.62
N GLY A 701 2.34 -26.77 27.77
CA GLY A 701 2.39 -25.82 28.87
C GLY A 701 1.21 -24.89 28.77
N GLN A 702 1.07 -24.05 29.79
CA GLN A 702 -0.02 -23.09 29.80
C GLN A 702 0.32 -21.89 28.91
N VAL A 703 -0.68 -21.04 28.68
CA VAL A 703 -0.51 -19.90 27.77
C VAL A 703 0.73 -19.12 28.15
N GLY A 704 1.56 -18.82 27.16
CA GLY A 704 2.76 -18.03 27.38
C GLY A 704 3.83 -18.75 28.18
N CYS A 705 4.29 -19.90 27.67
CA CYS A 705 5.35 -20.66 28.33
C CYS A 705 6.53 -20.94 27.41
N GLY A 706 6.59 -20.30 26.25
CA GLY A 706 7.74 -20.45 25.37
C GLY A 706 7.67 -21.54 24.35
N LYS A 707 6.48 -22.08 24.06
CA LYS A 707 6.36 -23.12 23.05
C LYS A 707 6.71 -22.60 21.66
N SER A 708 5.92 -21.64 21.16
CA SER A 708 6.26 -21.01 19.89
C SER A 708 7.62 -20.33 19.98
N SER A 709 7.94 -19.75 21.14
CA SER A 709 9.24 -19.13 21.30
C SER A 709 10.36 -20.16 21.17
N LEU A 710 10.19 -21.34 21.75
CA LEU A 710 11.23 -22.36 21.64
C LEU A 710 11.34 -22.89 20.21
N LEU A 711 10.20 -23.05 19.53
CA LEU A 711 10.24 -23.48 18.13
C LEU A 711 11.00 -22.47 17.27
N LEU A 712 10.72 -21.18 17.45
CA LEU A 712 11.41 -20.16 16.68
C LEU A 712 12.84 -19.93 17.14
N ALA A 713 13.17 -20.33 18.38
CA ALA A 713 14.57 -20.30 18.82
C ALA A 713 15.37 -21.39 18.14
N ILE A 714 14.82 -22.60 18.09
CA ILE A 714 15.47 -23.68 17.34
C ILE A 714 15.62 -23.28 15.88
N LEU A 715 14.54 -22.75 15.29
CA LEU A 715 14.62 -22.26 13.92
C LEU A 715 15.50 -21.02 13.80
N GLY A 716 15.83 -20.37 14.91
CA GLY A 716 16.80 -19.30 14.91
C GLY A 716 16.30 -17.93 14.53
N GLU A 717 15.00 -17.67 14.67
CA GLU A 717 14.45 -16.36 14.32
C GLU A 717 14.53 -15.35 15.45
N MET A 718 14.93 -15.75 16.65
CA MET A 718 15.03 -14.86 17.79
C MET A 718 16.49 -14.78 18.25
N GLN A 719 16.84 -13.63 18.81
CA GLN A 719 18.22 -13.36 19.19
C GLN A 719 18.70 -14.36 20.24
N THR A 720 19.87 -14.93 20.00
CA THR A 720 20.51 -15.83 20.95
C THR A 720 21.37 -15.02 21.92
N LEU A 721 21.39 -15.44 23.19
CA LEU A 721 22.20 -14.78 24.20
C LEU A 721 23.20 -15.70 24.87
N GLU A 722 23.04 -17.02 24.77
CA GLU A 722 23.97 -17.96 25.38
C GLU A 722 23.60 -19.36 24.89
N GLY A 723 24.53 -20.29 25.08
CA GLY A 723 24.28 -21.68 24.75
C GLY A 723 24.33 -21.91 23.25
N LYS A 724 23.94 -23.13 22.87
CA LYS A 724 23.97 -23.45 21.45
C LYS A 724 22.86 -24.43 21.09
N VAL A 725 22.46 -24.38 19.81
CA VAL A 725 21.54 -25.31 19.20
C VAL A 725 22.35 -26.19 18.25
N TYR A 726 22.36 -27.50 18.51
CA TYR A 726 23.13 -28.46 17.75
C TYR A 726 22.18 -29.28 16.88
N TRP A 727 22.37 -29.20 15.57
CA TRP A 727 21.60 -29.98 14.60
C TRP A 727 22.47 -31.16 14.15
N ASN A 728 22.23 -32.33 14.74
CA ASN A 728 22.97 -33.52 14.33
C ASN A 728 22.62 -33.88 12.89
N SER A 744 23.54 -24.57 10.35
CA SER A 744 23.51 -25.85 9.66
C SER A 744 22.12 -26.46 9.70
N ARG A 745 21.10 -25.61 9.77
CA ARG A 745 19.73 -26.10 9.87
C ARG A 745 19.34 -26.82 8.58
N TYR A 746 18.97 -28.09 8.70
CA TYR A 746 18.31 -28.79 7.62
C TYR A 746 16.85 -28.34 7.57
N SER A 747 16.29 -28.30 6.37
CA SER A 747 14.95 -27.77 6.19
C SER A 747 13.97 -28.45 7.13
N VAL A 748 13.15 -27.65 7.80
CA VAL A 748 12.13 -28.13 8.74
C VAL A 748 10.79 -27.60 8.27
N ALA A 749 9.80 -28.49 8.23
CA ALA A 749 8.44 -28.13 7.80
C ALA A 749 7.70 -27.50 8.96
N TYR A 750 7.41 -26.21 8.87
CA TYR A 750 6.89 -25.42 9.98
C TYR A 750 5.44 -25.06 9.72
N ALA A 751 4.55 -25.56 10.58
CA ALA A 751 3.14 -25.14 10.62
C ALA A 751 3.03 -24.11 11.74
N ALA A 752 2.93 -22.84 11.37
CA ALA A 752 2.89 -21.75 12.33
C ALA A 752 1.53 -21.67 13.00
N GLN A 753 1.51 -21.08 14.21
CA GLN A 753 0.25 -20.89 14.90
C GLN A 753 -0.71 -20.04 14.08
N LYS A 754 -0.21 -18.95 13.51
CA LYS A 754 -1.02 -18.12 12.62
C LYS A 754 -0.84 -18.62 11.20
N PRO A 755 -1.82 -19.35 10.64
CA PRO A 755 -1.60 -19.95 9.32
C PRO A 755 -1.32 -18.89 8.26
N TRP A 756 -0.40 -19.21 7.36
CA TRP A 756 0.03 -18.31 6.29
C TRP A 756 -0.18 -19.01 4.95
N LEU A 757 -1.09 -18.47 4.14
CA LEU A 757 -1.43 -19.05 2.85
C LEU A 757 -0.95 -18.11 1.74
N LEU A 758 -0.44 -18.69 0.66
CA LEU A 758 -0.03 -17.92 -0.49
C LEU A 758 -1.23 -17.60 -1.37
N ASN A 759 -1.02 -16.75 -2.36
CA ASN A 759 -2.07 -16.34 -3.28
C ASN A 759 -2.31 -17.36 -4.39
N ALA A 760 -1.71 -18.53 -4.30
CA ALA A 760 -1.89 -19.56 -5.32
C ALA A 760 -3.07 -20.46 -4.94
N THR A 761 -3.23 -21.57 -5.65
CA THR A 761 -4.36 -22.46 -5.43
C THR A 761 -4.14 -23.31 -4.17
N VAL A 762 -5.13 -24.14 -3.86
CA VAL A 762 -4.99 -25.11 -2.78
C VAL A 762 -3.81 -26.03 -3.05
N GLU A 763 -3.70 -26.52 -4.29
CA GLU A 763 -2.63 -27.44 -4.64
C GLU A 763 -1.27 -26.78 -4.46
N GLU A 764 -1.11 -25.53 -4.90
CA GLU A 764 0.17 -24.86 -4.78
C GLU A 764 0.55 -24.65 -3.32
N ASN A 765 -0.43 -24.30 -2.48
CA ASN A 765 -0.14 -24.14 -1.05
C ASN A 765 0.26 -25.46 -0.42
N ILE A 766 -0.39 -26.56 -0.81
CA ILE A 766 -0.10 -27.84 -0.18
C ILE A 766 1.26 -28.38 -0.64
N THR A 767 1.53 -28.33 -1.95
CA THR A 767 2.82 -28.81 -2.44
C THR A 767 3.95 -27.90 -1.97
N PHE A 768 3.89 -26.62 -2.36
CA PHE A 768 4.80 -25.61 -1.84
C PHE A 768 6.26 -25.94 -2.18
N GLY A 769 6.51 -26.13 -3.47
CA GLY A 769 7.86 -26.36 -3.95
C GLY A 769 8.24 -27.82 -3.99
N SER A 770 7.33 -28.67 -4.49
CA SER A 770 7.62 -30.08 -4.66
C SER A 770 6.84 -30.60 -5.86
N SER A 771 7.30 -31.73 -6.40
CA SER A 771 6.60 -32.36 -7.52
C SER A 771 5.30 -32.97 -7.05
N PHE A 772 4.26 -32.85 -7.89
CA PHE A 772 2.93 -33.32 -7.55
C PHE A 772 2.92 -34.84 -7.61
N ASN A 773 3.09 -35.49 -6.47
CA ASN A 773 2.94 -36.93 -6.35
C ASN A 773 1.51 -37.20 -5.89
N ARG A 774 0.69 -37.73 -6.80
CA ARG A 774 -0.75 -37.85 -6.52
C ARG A 774 -1.00 -38.74 -5.31
N GLN A 775 -0.23 -39.83 -5.16
CA GLN A 775 -0.41 -40.69 -4.00
C GLN A 775 -0.21 -39.90 -2.71
N ARG A 776 0.92 -39.17 -2.62
CA ARG A 776 1.19 -38.39 -1.42
C ARG A 776 0.15 -37.27 -1.23
N TYR A 777 -0.26 -36.64 -2.33
CA TYR A 777 -1.25 -35.57 -2.24
C TYR A 777 -2.56 -36.09 -1.68
N LYS A 778 -3.02 -37.25 -2.16
CA LYS A 778 -4.25 -37.83 -1.63
C LYS A 778 -4.09 -38.21 -0.17
N ALA A 779 -2.96 -38.87 0.17
CA ALA A 779 -2.73 -39.26 1.54
C ALA A 779 -2.80 -38.05 2.48
N VAL A 780 -2.14 -36.96 2.10
CA VAL A 780 -2.13 -35.76 2.94
C VAL A 780 -3.51 -35.14 3.02
N THR A 781 -4.14 -34.90 1.86
CA THR A 781 -5.43 -34.21 1.86
C THR A 781 -6.48 -35.01 2.62
N ASP A 782 -6.33 -36.34 2.69
CA ASP A 782 -7.27 -37.14 3.46
C ASP A 782 -6.90 -37.20 4.93
N ALA A 783 -5.60 -37.17 5.26
CA ALA A 783 -5.21 -37.13 6.66
C ALA A 783 -5.68 -35.84 7.32
N CYS A 784 -5.57 -34.72 6.63
CA CYS A 784 -6.09 -33.46 7.14
C CYS A 784 -7.60 -33.32 6.99
N SER A 785 -8.24 -34.23 6.24
CA SER A 785 -9.70 -34.21 6.06
C SER A 785 -10.15 -32.99 5.26
N LEU A 786 -9.29 -32.47 4.40
CA LEU A 786 -9.66 -31.35 3.54
C LEU A 786 -10.58 -31.77 2.40
N GLN A 787 -10.67 -33.06 2.10
CA GLN A 787 -11.35 -33.49 0.88
C GLN A 787 -12.80 -33.03 0.85
N PRO A 788 -13.60 -33.17 1.91
CA PRO A 788 -14.98 -32.64 1.85
C PRO A 788 -15.06 -31.14 1.69
N ASP A 789 -13.98 -30.41 2.02
CA ASP A 789 -14.00 -28.96 1.97
C ASP A 789 -13.53 -28.40 0.64
N ILE A 790 -12.56 -29.06 -0.02
CA ILE A 790 -12.03 -28.53 -1.27
C ILE A 790 -13.06 -28.65 -2.39
N ASP A 791 -13.88 -29.71 -2.37
CA ASP A 791 -14.82 -29.91 -3.47
C ASP A 791 -15.96 -28.89 -3.44
N LEU A 792 -16.36 -28.43 -2.25
CA LEU A 792 -17.41 -27.43 -2.16
C LEU A 792 -17.00 -26.07 -2.72
N LEU A 793 -15.71 -25.87 -2.98
CA LEU A 793 -15.20 -24.60 -3.48
C LEU A 793 -15.48 -24.47 -4.97
N PRO A 794 -15.48 -23.23 -5.50
CA PRO A 794 -15.81 -23.02 -6.92
C PRO A 794 -15.09 -24.00 -7.84
N PHE A 795 -13.76 -24.04 -7.74
CA PHE A 795 -12.95 -25.02 -8.44
C PHE A 795 -12.30 -25.93 -7.41
N GLY A 796 -12.42 -27.25 -7.63
CA GLY A 796 -12.09 -28.22 -6.61
C GLY A 796 -10.78 -27.98 -5.89
N ASP A 797 -9.66 -28.12 -6.60
CA ASP A 797 -8.35 -27.88 -6.02
C ASP A 797 -7.64 -26.68 -6.60
N GLN A 798 -8.19 -26.06 -7.64
CA GLN A 798 -7.54 -24.97 -8.34
C GLN A 798 -8.10 -23.60 -7.96
N THR A 799 -8.96 -23.54 -6.95
CA THR A 799 -9.54 -22.27 -6.54
C THR A 799 -8.49 -21.40 -5.85
N GLU A 800 -8.54 -20.11 -6.10
CA GLU A 800 -7.56 -19.18 -5.56
C GLU A 800 -7.79 -18.96 -4.07
N ILE A 801 -6.75 -19.18 -3.27
CA ILE A 801 -6.84 -19.10 -1.83
C ILE A 801 -6.11 -17.84 -1.36
N GLY A 802 -6.30 -17.49 -0.09
CA GLY A 802 -5.61 -16.37 0.50
C GLY A 802 -6.19 -15.04 0.04
N GLU A 803 -5.53 -13.97 0.48
CA GLU A 803 -5.95 -12.64 0.04
C GLU A 803 -5.80 -12.54 -1.48
N ARG A 804 -6.71 -11.79 -2.09
CA ARG A 804 -6.88 -11.74 -3.54
C ARG A 804 -7.51 -13.01 -4.08
N GLY A 805 -8.21 -13.75 -3.23
CA GLY A 805 -8.90 -14.96 -3.61
C GLY A 805 -10.04 -15.24 -2.65
N ILE A 806 -10.64 -16.42 -2.79
CA ILE A 806 -11.73 -16.80 -1.90
C ILE A 806 -11.18 -17.03 -0.50
N ASN A 807 -11.95 -16.65 0.51
CA ASN A 807 -11.53 -16.74 1.90
C ASN A 807 -12.12 -18.00 2.52
N LEU A 808 -11.25 -18.85 3.06
CA LEU A 808 -11.67 -20.04 3.79
C LEU A 808 -11.84 -19.71 5.28
N SER A 809 -12.47 -20.64 6.00
CA SER A 809 -12.61 -20.49 7.43
C SER A 809 -11.28 -20.77 8.13
N GLY A 810 -11.21 -20.38 9.40
CA GLY A 810 -9.98 -20.58 10.15
C GLY A 810 -9.53 -22.03 10.18
N GLY A 811 -10.47 -22.94 10.44
CA GLY A 811 -10.12 -24.36 10.42
C GLY A 811 -9.60 -24.81 9.07
N GLN A 812 -10.27 -24.39 8.00
CA GLN A 812 -9.82 -24.77 6.66
C GLN A 812 -8.41 -24.28 6.40
N ARG A 813 -8.14 -23.01 6.71
CA ARG A 813 -6.80 -22.45 6.46
C ARG A 813 -5.75 -23.17 7.29
N GLN A 814 -6.04 -23.42 8.56
CA GLN A 814 -5.07 -24.13 9.39
C GLN A 814 -4.79 -25.51 8.83
N ARG A 815 -5.83 -26.17 8.30
CA ARG A 815 -5.62 -27.50 7.73
C ARG A 815 -4.84 -27.44 6.42
N ILE A 816 -5.02 -26.38 5.64
CA ILE A 816 -4.15 -26.19 4.48
C ILE A 816 -2.70 -26.08 4.93
N CYS A 817 -2.47 -25.31 5.99
CA CYS A 817 -1.10 -25.15 6.51
C CYS A 817 -0.51 -26.48 6.96
N VAL A 818 -1.29 -27.25 7.73
CA VAL A 818 -0.79 -28.52 8.22
C VAL A 818 -0.56 -29.49 7.06
N ALA A 819 -1.41 -29.43 6.03
CA ALA A 819 -1.19 -30.25 4.84
C ALA A 819 0.11 -29.88 4.15
N ARG A 820 0.38 -28.59 4.01
CA ARG A 820 1.65 -28.14 3.47
C ARG A 820 2.81 -28.74 4.27
N ALA A 821 2.71 -28.65 5.59
CA ALA A 821 3.79 -29.18 6.43
C ALA A 821 3.94 -30.69 6.25
N LEU A 822 2.82 -31.40 6.12
CA LEU A 822 2.89 -32.86 5.98
C LEU A 822 3.38 -33.30 4.61
N TYR A 823 3.24 -32.45 3.58
CA TYR A 823 3.59 -32.89 2.23
C TYR A 823 5.09 -32.80 1.97
N GLN A 824 5.71 -31.67 2.32
CA GLN A 824 7.13 -31.48 2.06
C GLN A 824 7.95 -32.61 2.66
N ASN A 825 8.91 -33.12 1.88
CA ASN A 825 9.72 -34.25 2.30
C ASN A 825 10.98 -33.75 3.01
N THR A 826 10.78 -33.30 4.25
CA THR A 826 11.86 -32.91 5.13
C THR A 826 11.82 -33.81 6.37
N ASN A 827 12.97 -33.91 7.03
CA ASN A 827 13.10 -34.89 8.11
C ASN A 827 12.39 -34.44 9.39
N ILE A 828 12.21 -33.15 9.60
CA ILE A 828 11.67 -32.63 10.85
C ILE A 828 10.45 -31.75 10.56
N VAL A 829 9.42 -31.90 11.39
CA VAL A 829 8.15 -31.20 11.22
C VAL A 829 7.81 -30.52 12.55
N PHE A 830 7.89 -29.20 12.59
CA PHE A 830 7.49 -28.41 13.75
C PHE A 830 6.04 -27.96 13.53
N LEU A 831 5.09 -28.65 14.17
CA LEU A 831 3.69 -28.29 14.11
C LEU A 831 3.34 -27.51 15.38
N ASP A 832 2.83 -26.29 15.21
CA ASP A 832 2.57 -25.39 16.32
C ASP A 832 1.06 -25.21 16.45
N ASP A 833 0.47 -25.92 17.41
CA ASP A 833 -0.95 -25.81 17.72
C ASP A 833 -1.79 -26.10 16.48
N PRO A 834 -1.70 -27.31 15.91
CA PRO A 834 -2.57 -27.65 14.77
C PRO A 834 -4.00 -27.97 15.16
N PHE A 835 -4.28 -28.15 16.46
CA PHE A 835 -5.59 -28.59 16.93
C PHE A 835 -6.37 -27.47 17.61
N SER A 836 -6.13 -26.22 17.21
CA SER A 836 -6.79 -25.09 17.85
C SER A 836 -8.10 -24.73 17.15
N ALA A 837 -8.03 -24.45 15.84
CA ALA A 837 -9.24 -24.11 15.10
C ALA A 837 -10.10 -25.33 14.83
N LEU A 838 -9.49 -26.51 14.67
CA LEU A 838 -10.25 -27.72 14.40
C LEU A 838 -11.10 -28.12 15.60
N ASP A 839 -12.22 -28.78 15.31
CA ASP A 839 -13.09 -29.32 16.35
C ASP A 839 -12.52 -30.66 16.82
N ILE A 840 -13.32 -31.41 17.60
CA ILE A 840 -12.84 -32.68 18.12
C ILE A 840 -12.66 -33.70 17.01
N HIS A 841 -13.63 -33.80 16.09
CA HIS A 841 -13.58 -34.85 15.08
C HIS A 841 -12.41 -34.65 14.12
N LEU A 842 -12.28 -33.44 13.56
CA LEU A 842 -11.19 -33.17 12.64
C LEU A 842 -9.84 -33.31 13.32
N SER A 843 -9.71 -32.78 14.54
CA SER A 843 -8.44 -32.87 15.26
C SER A 843 -8.08 -34.32 15.55
N ASP A 844 -9.06 -35.13 15.96
CA ASP A 844 -8.78 -36.52 16.27
C ASP A 844 -8.38 -37.29 15.00
N HIS A 845 -9.06 -37.01 13.87
CA HIS A 845 -8.65 -37.66 12.62
C HIS A 845 -7.24 -37.26 12.23
N LEU A 846 -6.91 -35.97 12.36
CA LEU A 846 -5.58 -35.50 12.01
C LEU A 846 -4.52 -36.15 12.89
N MET A 847 -4.79 -36.26 14.19
CA MET A 847 -3.84 -36.92 15.08
C MET A 847 -3.69 -38.39 14.72
N GLN A 848 -4.80 -39.09 14.50
CA GLN A 848 -4.75 -40.54 14.36
C GLN A 848 -4.17 -40.94 13.01
N GLU A 849 -4.27 -40.09 11.99
CA GLU A 849 -3.78 -40.40 10.66
C GLU A 849 -2.57 -39.58 10.25
N GLY A 850 -2.68 -38.25 10.31
CA GLY A 850 -1.59 -37.42 9.82
C GLY A 850 -0.33 -37.53 10.64
N ILE A 851 -0.46 -37.46 11.96
CA ILE A 851 0.72 -37.40 12.82
C ILE A 851 1.15 -38.79 13.29
N LEU A 852 0.20 -39.59 13.80
CA LEU A 852 0.58 -40.88 14.35
C LEU A 852 0.88 -41.92 13.28
N LYS A 853 0.29 -41.80 12.09
CA LYS A 853 0.45 -42.80 11.05
C LYS A 853 1.23 -42.27 9.85
N PHE A 854 0.78 -41.18 9.23
CA PHE A 854 1.43 -40.71 8.00
C PHE A 854 2.86 -40.28 8.26
N LEU A 855 3.12 -39.59 9.36
CA LEU A 855 4.45 -39.11 9.67
C LEU A 855 5.30 -40.14 10.40
N GLN A 856 4.71 -41.23 10.89
CA GLN A 856 5.48 -42.30 11.50
C GLN A 856 5.84 -43.41 10.52
N ASP A 857 5.24 -43.41 9.32
CA ASP A 857 5.70 -44.30 8.28
C ASP A 857 7.03 -43.83 7.70
N ASP A 858 7.24 -42.52 7.66
CA ASP A 858 8.48 -41.93 7.16
C ASP A 858 9.55 -41.77 8.23
N LYS A 859 9.23 -42.08 9.49
CA LYS A 859 10.16 -41.93 10.60
C LYS A 859 10.61 -40.49 10.78
N ARG A 860 9.78 -39.55 10.36
CA ARG A 860 10.11 -38.13 10.51
C ARG A 860 10.00 -37.73 11.98
N THR A 861 10.77 -36.70 12.34
CA THR A 861 10.79 -36.19 13.71
C THR A 861 9.74 -35.09 13.84
N VAL A 862 8.68 -35.37 14.59
CA VAL A 862 7.54 -34.48 14.73
C VAL A 862 7.60 -33.82 16.09
N VAL A 863 7.46 -32.49 16.11
CA VAL A 863 7.43 -31.71 17.34
C VAL A 863 6.08 -31.01 17.39
N LEU A 864 5.24 -31.42 18.34
CA LEU A 864 3.87 -30.96 18.45
C LEU A 864 3.75 -29.95 19.60
N VAL A 865 3.20 -28.78 19.31
CA VAL A 865 2.84 -27.81 20.35
C VAL A 865 1.32 -27.87 20.48
N THR A 866 0.84 -28.53 21.53
CA THR A 866 -0.58 -28.74 21.72
C THR A 866 -0.97 -28.45 23.16
N HIS A 867 -2.16 -27.87 23.33
CA HIS A 867 -2.80 -27.77 24.64
C HIS A 867 -3.65 -28.99 24.96
N LYS A 868 -3.79 -29.91 24.01
CA LYS A 868 -4.60 -31.12 24.18
C LYS A 868 -3.79 -32.13 25.00
N LEU A 869 -4.01 -32.13 26.32
CA LEU A 869 -3.33 -33.10 27.16
C LEU A 869 -3.77 -34.53 26.83
N GLN A 870 -4.99 -34.68 26.29
CA GLN A 870 -5.52 -36.01 26.01
C GLN A 870 -4.63 -36.79 25.05
N TYR A 871 -3.95 -36.10 24.13
CA TYR A 871 -3.09 -36.77 23.17
C TYR A 871 -1.74 -37.17 23.74
N LEU A 872 -1.41 -36.72 24.96
CA LEU A 872 -0.09 -36.99 25.51
C LEU A 872 0.20 -38.48 25.60
N THR A 873 -0.84 -39.30 25.72
CA THR A 873 -0.63 -40.74 25.83
C THR A 873 0.06 -41.32 24.59
N HIS A 874 0.00 -40.61 23.45
CA HIS A 874 0.60 -41.08 22.21
C HIS A 874 1.92 -40.36 21.90
N ALA A 875 2.61 -39.88 22.93
CA ALA A 875 3.84 -39.12 22.76
C ALA A 875 5.04 -39.91 23.29
N ASP A 876 6.14 -39.87 22.55
CA ASP A 876 7.38 -40.49 22.97
C ASP A 876 8.23 -39.58 23.84
N TRP A 877 8.14 -38.27 23.63
CA TRP A 877 8.89 -37.29 24.40
C TRP A 877 7.95 -36.15 24.77
N ILE A 878 7.97 -35.73 26.02
CA ILE A 878 7.12 -34.65 26.51
C ILE A 878 8.01 -33.58 27.11
N ILE A 879 7.92 -32.37 26.58
CA ILE A 879 8.65 -31.21 27.09
C ILE A 879 7.62 -30.30 27.75
N ALA A 880 7.63 -30.27 29.08
CA ALA A 880 6.70 -29.45 29.84
C ALA A 880 7.34 -28.10 30.12
N MET A 881 6.66 -27.03 29.73
CA MET A 881 7.19 -25.68 29.82
C MET A 881 6.42 -24.86 30.84
N LYS A 882 7.16 -24.04 31.60
CA LYS A 882 6.56 -23.09 32.52
C LYS A 882 7.41 -21.83 32.56
N ASP A 883 6.79 -20.69 32.28
CA ASP A 883 7.42 -19.38 32.45
C ASP A 883 8.77 -19.32 31.76
N GLY A 884 8.84 -19.86 30.55
CA GLY A 884 10.04 -19.76 29.76
C GLY A 884 11.14 -20.74 30.07
N SER A 885 10.89 -21.73 30.92
CA SER A 885 11.86 -22.79 31.20
C SER A 885 11.18 -24.14 31.02
N VAL A 886 11.99 -25.19 30.98
CA VAL A 886 11.50 -26.55 30.84
C VAL A 886 11.48 -27.19 32.22
N LEU A 887 10.27 -27.34 32.79
CA LEU A 887 10.14 -27.99 34.09
C LEU A 887 10.65 -29.42 34.03
N ARG A 888 10.21 -30.19 33.05
CA ARG A 888 10.54 -31.60 32.96
C ARG A 888 10.52 -32.03 31.50
N GLU A 889 11.48 -32.86 31.13
CA GLU A 889 11.60 -33.41 29.78
C GLU A 889 11.81 -34.91 29.89
N GLY A 890 10.91 -35.68 29.29
CA GLY A 890 11.04 -37.12 29.32
C GLY A 890 9.75 -37.78 28.88
N THR A 891 9.72 -39.10 29.01
CA THR A 891 8.54 -39.88 28.69
C THR A 891 7.48 -39.70 29.78
N LEU A 892 6.25 -40.12 29.47
CA LEU A 892 5.17 -40.02 30.46
C LEU A 892 5.57 -40.70 31.76
N LYS A 893 6.18 -41.88 31.67
CA LYS A 893 6.61 -42.59 32.87
C LYS A 893 7.68 -41.83 33.63
N ASP A 894 8.64 -41.25 32.90
CA ASP A 894 9.71 -40.48 33.56
C ASP A 894 9.14 -39.27 34.29
N ILE A 895 8.18 -38.58 33.67
CA ILE A 895 7.56 -37.44 34.35
C ILE A 895 6.74 -37.91 35.55
N GLN A 896 6.08 -39.06 35.43
CA GLN A 896 5.32 -39.59 36.56
C GLN A 896 6.24 -39.87 37.74
N THR A 897 7.44 -40.41 37.47
CA THR A 897 8.35 -40.75 38.56
C THR A 897 9.01 -39.49 39.14
N LYS A 898 9.66 -38.69 38.28
CA LYS A 898 10.40 -37.53 38.78
C LYS A 898 9.46 -36.45 39.30
N ASP A 899 8.62 -35.90 38.43
CA ASP A 899 7.68 -34.83 38.80
C ASP A 899 6.31 -35.47 38.98
N VAL A 900 6.05 -35.96 40.20
CA VAL A 900 4.76 -36.58 40.48
C VAL A 900 3.64 -35.56 40.33
N GLU A 901 3.85 -34.35 40.85
CA GLU A 901 2.79 -33.36 40.90
C GLU A 901 2.37 -32.90 39.50
N LEU A 902 3.32 -32.81 38.57
CA LEU A 902 2.96 -32.41 37.20
C LEU A 902 2.06 -33.45 36.54
N TYR A 903 2.39 -34.74 36.72
CA TYR A 903 1.55 -35.79 36.18
C TYR A 903 0.18 -35.78 36.84
N GLU A 904 0.13 -35.57 38.16
CA GLU A 904 -1.15 -35.49 38.85
C GLU A 904 -1.98 -34.32 38.35
N HIS A 905 -1.34 -33.17 38.09
CA HIS A 905 -2.05 -32.00 37.60
C HIS A 905 -2.61 -32.25 36.21
N TRP A 906 -1.81 -32.85 35.32
CA TRP A 906 -2.32 -33.20 34.00
C TRP A 906 -3.49 -34.16 34.11
N LYS A 907 -3.38 -35.15 35.00
CA LYS A 907 -4.46 -36.12 35.19
C LYS A 907 -5.73 -35.45 35.68
N THR A 908 -5.59 -34.53 36.64
CA THR A 908 -6.75 -33.82 37.17
C THR A 908 -7.41 -32.97 36.08
N LEU A 909 -6.61 -32.31 35.24
CA LEU A 909 -7.19 -31.47 34.21
C LEU A 909 -8.01 -32.28 33.21
N MET A 910 -7.57 -33.50 32.92
CA MET A 910 -8.28 -34.36 31.97
C MET A 910 -9.45 -35.09 32.62
N ASN A 911 -9.77 -34.80 33.88
CA ASN A 911 -10.90 -35.43 34.57
C ASN A 911 -10.71 -36.93 34.66
N ARG A 912 -9.46 -37.37 34.86
CA ARG A 912 -9.15 -38.79 34.95
C ARG A 912 -8.64 -39.14 36.35
N TRP A 975 -13.78 13.01 -19.91
CA TRP A 975 -14.41 12.07 -19.01
C TRP A 975 -15.24 12.81 -17.95
N LYS A 976 -16.28 12.16 -17.45
CA LYS A 976 -17.03 12.73 -16.35
C LYS A 976 -16.22 12.77 -15.06
N THR A 977 -15.23 11.88 -14.93
CA THR A 977 -14.33 11.94 -13.78
C THR A 977 -13.52 13.24 -13.77
N CYS A 978 -13.09 13.67 -14.96
CA CYS A 978 -12.35 14.93 -15.05
C CYS A 978 -13.23 16.11 -14.63
N TRP A 979 -14.47 16.15 -15.11
CA TRP A 979 -15.38 17.23 -14.69
C TRP A 979 -15.66 17.15 -13.20
N TRP A 980 -15.83 15.94 -12.67
CA TRP A 980 -16.02 15.78 -11.23
C TRP A 980 -14.84 16.37 -10.47
N TYR A 981 -13.62 16.02 -10.88
CA TYR A 981 -12.45 16.51 -10.17
C TYR A 981 -12.35 18.03 -10.26
N LEU A 982 -12.62 18.60 -11.44
CA LEU A 982 -12.52 20.05 -11.58
C LEU A 982 -13.58 20.78 -10.77
N THR A 983 -14.81 20.29 -10.78
CA THR A 983 -15.92 20.96 -10.13
C THR A 983 -16.09 20.57 -8.67
N SER A 984 -15.22 19.71 -8.15
CA SER A 984 -15.27 19.41 -6.72
C SER A 984 -15.04 20.64 -5.85
N GLY A 985 -14.49 21.70 -6.42
CA GLY A 985 -14.16 22.89 -5.65
C GLY A 985 -15.24 23.95 -5.61
N GLY A 986 -16.48 23.59 -5.94
CA GLY A 986 -17.61 24.50 -5.81
C GLY A 986 -17.92 25.35 -7.02
N PHE A 987 -17.37 25.02 -8.19
CA PHE A 987 -17.73 25.67 -9.45
C PHE A 987 -17.14 27.07 -9.57
N PHE A 988 -16.52 27.58 -8.51
CA PHE A 988 -15.88 28.89 -8.57
C PHE A 988 -14.37 28.80 -8.75
N LEU A 989 -13.73 27.79 -8.16
CA LEU A 989 -12.30 27.63 -8.36
C LEU A 989 -11.98 27.27 -9.81
N LEU A 990 -12.85 26.49 -10.47
CA LEU A 990 -12.66 26.21 -11.89
C LEU A 990 -12.69 27.50 -12.70
N PHE A 991 -13.73 28.31 -12.49
CA PHE A 991 -13.82 29.59 -13.20
C PHE A 991 -12.60 30.46 -12.92
N LEU A 992 -12.21 30.57 -11.65
CA LEU A 992 -11.09 31.44 -11.32
C LEU A 992 -9.82 30.94 -11.98
N MET A 993 -9.55 29.64 -11.91
CA MET A 993 -8.37 29.09 -12.56
C MET A 993 -8.35 29.45 -14.04
N ILE A 994 -9.40 29.08 -14.76
CA ILE A 994 -9.37 29.24 -16.22
C ILE A 994 -9.30 30.72 -16.59
N PHE A 995 -10.13 31.55 -15.96
CA PHE A 995 -10.18 32.98 -16.29
C PHE A 995 -8.87 33.67 -15.95
N SER A 996 -8.34 33.40 -14.75
CA SER A 996 -7.08 34.02 -14.34
C SER A 996 -5.95 33.60 -15.25
N LYS A 997 -5.89 32.32 -15.62
CA LYS A 997 -4.83 31.87 -16.53
C LYS A 997 -4.96 32.53 -17.89
N LEU A 998 -6.19 32.64 -18.41
CA LEU A 998 -6.38 33.32 -19.69
C LEU A 998 -5.92 34.77 -19.62
N LEU A 999 -6.24 35.47 -18.53
CA LEU A 999 -5.85 36.87 -18.42
C LEU A 999 -4.34 37.02 -18.21
N LYS A 1000 -3.73 36.12 -17.42
CA LYS A 1000 -2.29 36.10 -17.28
C LYS A 1000 -1.63 36.00 -18.65
N HIS A 1001 -2.07 35.03 -19.46
CA HIS A 1001 -1.40 34.84 -20.74
C HIS A 1001 -1.73 35.96 -21.71
N SER A 1002 -2.90 36.58 -21.59
CA SER A 1002 -3.17 37.79 -22.36
C SER A 1002 -2.14 38.86 -22.04
N VAL A 1003 -1.85 39.05 -20.74
CA VAL A 1003 -0.86 40.05 -20.35
C VAL A 1003 0.52 39.66 -20.86
N ILE A 1004 0.85 38.37 -20.84
CA ILE A 1004 2.17 37.93 -21.30
C ILE A 1004 2.33 38.21 -22.80
N VAL A 1005 1.32 37.86 -23.59
CA VAL A 1005 1.37 38.14 -25.02
C VAL A 1005 1.43 39.64 -25.26
N ALA A 1006 0.71 40.42 -24.44
CA ALA A 1006 0.78 41.87 -24.57
C ALA A 1006 2.19 42.38 -24.29
N ILE A 1007 2.86 41.80 -23.29
CA ILE A 1007 4.24 42.18 -22.98
C ILE A 1007 5.15 41.89 -24.18
N ASP A 1008 5.01 40.69 -24.74
CA ASP A 1008 5.84 40.32 -25.90
C ASP A 1008 5.59 41.28 -27.06
N TYR A 1009 4.32 41.57 -27.33
CA TYR A 1009 3.97 42.48 -28.42
C TYR A 1009 4.51 43.89 -28.14
N TRP A 1010 4.39 44.33 -26.90
CA TRP A 1010 4.90 45.65 -26.53
C TRP A 1010 6.40 45.74 -26.81
N LEU A 1011 7.16 44.76 -26.33
CA LEU A 1011 8.60 44.77 -26.58
C LEU A 1011 8.89 44.79 -28.07
N ALA A 1012 8.27 43.87 -28.82
CA ALA A 1012 8.55 43.78 -30.25
C ALA A 1012 8.27 45.09 -30.95
N THR A 1013 7.07 45.65 -30.75
CA THR A 1013 6.69 46.87 -31.45
C THR A 1013 7.54 48.06 -31.01
N TRP A 1014 7.65 48.26 -29.69
CA TRP A 1014 8.41 49.39 -29.16
C TRP A 1014 9.82 49.41 -29.73
N THR A 1015 10.48 48.25 -29.75
CA THR A 1015 11.86 48.22 -30.25
C THR A 1015 11.92 48.26 -31.78
N SER A 1016 10.89 47.75 -32.46
CA SER A 1016 10.91 47.78 -33.92
C SER A 1016 10.74 49.19 -34.46
N GLU A 1017 9.80 49.96 -33.89
CA GLU A 1017 9.59 51.33 -34.36
C GLU A 1017 10.82 52.19 -34.15
N TYR A 1018 11.52 51.99 -33.04
CA TYR A 1018 12.74 52.74 -32.74
C TYR A 1018 13.94 52.10 -33.43
N GLN A 1028 11.46 56.78 -24.34
CA GLN A 1028 10.28 57.55 -23.99
C GLN A 1028 9.70 57.08 -22.66
N THR A 1029 9.29 58.04 -21.83
CA THR A 1029 8.74 57.71 -20.51
C THR A 1029 7.43 56.94 -20.63
N PHE A 1030 6.61 57.27 -21.62
CA PHE A 1030 5.34 56.58 -21.82
C PHE A 1030 5.57 55.08 -22.00
N TYR A 1031 6.52 54.71 -22.85
CA TYR A 1031 6.77 53.30 -23.10
C TYR A 1031 7.22 52.59 -21.83
N VAL A 1032 8.13 53.21 -21.08
CA VAL A 1032 8.61 52.60 -19.84
C VAL A 1032 7.46 52.39 -18.87
N ALA A 1033 6.61 53.41 -18.71
CA ALA A 1033 5.50 53.30 -17.76
C ALA A 1033 4.51 52.22 -18.19
N GLY A 1034 4.16 52.18 -19.47
CA GLY A 1034 3.23 51.17 -19.95
C GLY A 1034 3.78 49.77 -19.77
N PHE A 1035 5.06 49.57 -20.13
CA PHE A 1035 5.67 48.26 -19.94
C PHE A 1035 5.73 47.88 -18.46
N SER A 1036 6.00 48.86 -17.59
CA SER A 1036 6.04 48.59 -16.16
C SER A 1036 4.69 48.13 -15.65
N ILE A 1037 3.62 48.82 -16.05
CA ILE A 1037 2.30 48.42 -15.55
C ILE A 1037 1.93 47.05 -16.09
N LEU A 1038 2.27 46.77 -17.36
CA LEU A 1038 1.98 45.45 -17.91
C LEU A 1038 2.70 44.36 -17.13
N CYS A 1039 3.99 44.59 -16.81
CA CYS A 1039 4.75 43.59 -16.06
C CYS A 1039 4.22 43.41 -14.65
N GLY A 1040 3.78 44.50 -14.01
CA GLY A 1040 3.20 44.37 -12.68
C GLY A 1040 1.93 43.55 -12.71
N ALA A 1041 1.06 43.82 -13.67
CA ALA A 1041 -0.14 43.01 -13.83
C ALA A 1041 0.24 41.56 -14.08
N GLY A 1042 1.26 41.32 -14.91
CA GLY A 1042 1.70 39.96 -15.17
C GLY A 1042 2.12 39.25 -13.90
N ILE A 1043 2.86 39.93 -13.03
CA ILE A 1043 3.32 39.30 -11.79
C ILE A 1043 2.14 38.98 -10.88
N PHE A 1044 1.22 39.95 -10.72
CA PHE A 1044 0.05 39.70 -9.88
C PHE A 1044 -0.76 38.52 -10.41
N LEU A 1045 -0.97 38.47 -11.73
CA LEU A 1045 -1.70 37.36 -12.32
C LEU A 1045 -0.93 36.05 -12.17
N CYS A 1046 0.40 36.10 -12.20
CA CYS A 1046 1.19 34.91 -11.95
C CYS A 1046 0.86 34.33 -10.58
N LEU A 1047 0.85 35.19 -9.56
CA LEU A 1047 0.49 34.71 -8.22
C LEU A 1047 -0.91 34.12 -8.20
N VAL A 1048 -1.88 34.86 -8.74
CA VAL A 1048 -3.28 34.42 -8.69
C VAL A 1048 -3.44 33.08 -9.38
N THR A 1049 -2.81 32.90 -10.54
CA THR A 1049 -2.95 31.65 -11.27
C THR A 1049 -2.18 30.51 -10.61
N SER A 1050 -1.07 30.83 -9.94
CA SER A 1050 -0.32 29.78 -9.26
C SER A 1050 -1.16 29.15 -8.13
N LEU A 1051 -1.92 29.98 -7.41
CA LEU A 1051 -2.63 29.44 -6.24
C LEU A 1051 -3.83 28.56 -6.62
N THR A 1052 -4.46 28.81 -7.78
CA THR A 1052 -5.75 28.22 -8.06
C THR A 1052 -5.67 26.70 -8.15
N VAL A 1053 -4.76 26.19 -8.97
CA VAL A 1053 -4.74 24.75 -9.26
C VAL A 1053 -4.42 23.98 -7.99
N GLU A 1054 -3.49 24.48 -7.18
CA GLU A 1054 -3.15 23.81 -5.93
C GLU A 1054 -4.33 23.79 -4.97
N TRP A 1055 -5.04 24.91 -4.86
CA TRP A 1055 -6.22 24.91 -3.99
C TRP A 1055 -7.25 23.90 -4.46
N MET A 1056 -7.48 23.83 -5.77
CA MET A 1056 -8.39 22.83 -6.32
C MET A 1056 -7.95 21.42 -5.92
N GLY A 1057 -6.66 21.12 -6.10
CA GLY A 1057 -6.19 19.79 -5.77
C GLY A 1057 -6.43 19.42 -4.32
N LEU A 1058 -6.10 20.35 -3.41
CA LEU A 1058 -6.30 20.07 -1.99
C LEU A 1058 -7.77 19.80 -1.69
N THR A 1059 -8.67 20.65 -2.20
CA THR A 1059 -10.09 20.47 -1.93
C THR A 1059 -10.56 19.11 -2.43
N ALA A 1060 -10.19 18.76 -3.65
CA ALA A 1060 -10.64 17.49 -4.23
C ALA A 1060 -10.12 16.31 -3.42
N ALA A 1061 -8.85 16.35 -3.01
CA ALA A 1061 -8.30 15.25 -2.24
C ALA A 1061 -9.06 15.06 -0.93
N LYS A 1062 -9.28 16.16 -0.21
CA LYS A 1062 -10.03 16.08 1.05
C LYS A 1062 -11.39 15.44 0.82
N ASN A 1063 -12.15 15.97 -0.14
CA ASN A 1063 -13.52 15.47 -0.34
C ASN A 1063 -13.51 13.99 -0.72
N LEU A 1064 -12.63 13.59 -1.63
CA LEU A 1064 -12.62 12.22 -2.09
C LEU A 1064 -12.31 11.26 -0.94
N HIS A 1065 -11.26 11.54 -0.17
CA HIS A 1065 -10.93 10.61 0.90
C HIS A 1065 -12.04 10.54 1.94
N HIS A 1066 -12.64 11.68 2.27
CA HIS A 1066 -13.72 11.68 3.24
C HIS A 1066 -14.86 10.77 2.79
N ASN A 1067 -15.32 10.96 1.54
CA ASN A 1067 -16.41 10.15 1.04
C ASN A 1067 -16.05 8.67 1.04
N LEU A 1068 -14.84 8.34 0.58
CA LEU A 1068 -14.45 6.94 0.50
C LEU A 1068 -14.48 6.27 1.86
N LEU A 1069 -13.83 6.90 2.86
CA LEU A 1069 -13.80 6.28 4.18
C LEU A 1069 -15.19 6.13 4.76
N ASN A 1070 -16.02 7.17 4.64
CA ASN A 1070 -17.37 7.10 5.21
C ASN A 1070 -18.17 5.98 4.57
N LYS A 1071 -18.10 5.83 3.25
CA LYS A 1071 -18.92 4.81 2.61
C LYS A 1071 -18.39 3.41 2.86
N ILE A 1072 -17.06 3.25 3.00
CA ILE A 1072 -16.52 1.93 3.33
C ILE A 1072 -16.99 1.50 4.71
N ILE A 1073 -16.92 2.41 5.69
CA ILE A 1073 -17.23 1.99 7.07
C ILE A 1073 -18.67 1.50 7.17
N LEU A 1074 -19.61 2.20 6.56
CA LEU A 1074 -21.02 1.87 6.71
C LEU A 1074 -21.48 0.71 5.85
N GLY A 1075 -20.57 0.04 5.14
CA GLY A 1075 -20.95 -1.06 4.28
C GLY A 1075 -21.37 -2.29 5.07
N PRO A 1076 -22.08 -3.21 4.43
CA PRO A 1076 -22.44 -4.46 5.10
C PRO A 1076 -21.27 -5.42 5.15
N ILE A 1077 -21.24 -6.23 6.21
CA ILE A 1077 -20.12 -7.14 6.42
C ILE A 1077 -19.98 -8.09 5.22
N ARG A 1078 -21.08 -8.36 4.53
CA ARG A 1078 -21.02 -9.20 3.33
C ARG A 1078 -20.07 -8.60 2.30
N PHE A 1079 -20.11 -7.28 2.13
CA PHE A 1079 -19.23 -6.64 1.17
C PHE A 1079 -17.76 -6.92 1.50
N PHE A 1080 -17.41 -6.83 2.79
CA PHE A 1080 -16.02 -7.10 3.18
C PHE A 1080 -15.67 -8.57 2.99
N ASP A 1081 -16.61 -9.47 3.27
CA ASP A 1081 -16.32 -10.90 3.11
C ASP A 1081 -16.12 -11.25 1.64
N THR A 1082 -16.93 -10.68 0.75
CA THR A 1082 -16.85 -11.04 -0.67
C THR A 1082 -15.64 -10.41 -1.35
N THR A 1083 -15.39 -9.12 -1.10
CA THR A 1083 -14.34 -8.41 -1.79
C THR A 1083 -12.99 -8.61 -1.10
N PRO A 1084 -11.89 -8.72 -1.83
CA PRO A 1084 -10.58 -8.78 -1.19
C PRO A 1084 -10.25 -7.47 -0.48
N LEU A 1085 -9.54 -7.59 0.63
CA LEU A 1085 -9.00 -6.41 1.29
C LEU A 1085 -8.06 -5.65 0.37
N GLY A 1086 -7.46 -6.34 -0.59
CA GLY A 1086 -6.46 -5.72 -1.44
C GLY A 1086 -6.99 -4.51 -2.19
N LEU A 1087 -8.19 -4.64 -2.77
CA LEU A 1087 -8.73 -3.55 -3.58
C LEU A 1087 -8.98 -2.30 -2.73
N ILE A 1088 -9.68 -2.47 -1.61
CA ILE A 1088 -10.04 -1.32 -0.78
C ILE A 1088 -8.79 -0.65 -0.23
N LEU A 1089 -7.87 -1.47 0.29
CA LEU A 1089 -6.65 -0.89 0.86
C LEU A 1089 -5.76 -0.28 -0.21
N ASN A 1090 -5.77 -0.83 -1.43
CA ASN A 1090 -5.04 -0.20 -2.53
C ASN A 1090 -5.62 1.16 -2.86
N ARG A 1091 -6.95 1.27 -2.91
CA ARG A 1091 -7.56 2.58 -3.05
C ARG A 1091 -6.94 3.52 -2.02
N PHE A 1092 -7.19 3.21 -0.74
CA PHE A 1092 -6.79 4.12 0.34
C PHE A 1092 -5.30 4.47 0.27
N SER A 1093 -4.47 3.48 -0.06
CA SER A 1093 -3.02 3.67 0.02
C SER A 1093 -2.48 4.44 -1.18
N ALA A 1094 -2.66 3.90 -2.39
CA ALA A 1094 -1.94 4.40 -3.55
C ALA A 1094 -2.80 5.21 -4.52
N ASP A 1095 -4.13 5.21 -4.39
CA ASP A 1095 -4.92 6.10 -5.22
C ASP A 1095 -5.06 7.47 -4.59
N THR A 1096 -5.16 7.52 -3.26
CA THR A 1096 -5.15 8.80 -2.57
C THR A 1096 -3.82 9.52 -2.79
N ASN A 1097 -2.72 8.77 -2.83
CA ASN A 1097 -1.43 9.39 -3.12
C ASN A 1097 -1.43 10.07 -4.48
N ILE A 1098 -1.95 9.38 -5.50
CA ILE A 1098 -2.03 9.97 -6.83
C ILE A 1098 -2.92 11.21 -6.80
N ILE A 1099 -4.08 11.11 -6.16
CA ILE A 1099 -5.00 12.24 -6.14
C ILE A 1099 -4.40 13.42 -5.40
N ASP A 1100 -3.51 13.17 -4.44
CA ASP A 1100 -2.99 14.24 -3.60
C ASP A 1100 -1.79 14.91 -4.25
N GLN A 1101 -0.82 14.13 -4.71
CA GLN A 1101 0.50 14.65 -5.05
C GLN A 1101 0.85 14.56 -6.52
N HIS A 1102 -0.06 14.11 -7.38
CA HIS A 1102 0.31 13.90 -8.77
C HIS A 1102 -0.65 14.57 -9.75
N ILE A 1103 -1.91 14.69 -9.39
CA ILE A 1103 -2.88 15.31 -10.30
C ILE A 1103 -2.67 16.82 -10.36
N PRO A 1104 -2.40 17.51 -9.25
CA PRO A 1104 -2.30 18.98 -9.31
C PRO A 1104 -1.16 19.46 -10.18
N PRO A 1105 0.06 18.91 -10.03
CA PRO A 1105 1.15 19.33 -10.93
C PRO A 1105 0.86 19.02 -12.38
N THR A 1106 0.37 17.80 -12.67
CA THR A 1106 0.07 17.44 -14.04
C THR A 1106 -0.96 18.40 -14.63
N LEU A 1107 -2.02 18.70 -13.87
CA LEU A 1107 -3.06 19.59 -14.37
C LEU A 1107 -2.51 20.99 -14.60
N GLU A 1108 -1.69 21.51 -13.68
CA GLU A 1108 -1.16 22.85 -13.85
C GLU A 1108 -0.30 22.94 -15.10
N SER A 1109 0.58 21.95 -15.31
CA SER A 1109 1.45 21.98 -16.48
C SER A 1109 0.62 21.80 -17.75
N LEU A 1110 -0.39 20.93 -17.71
CA LEU A 1110 -1.28 20.77 -18.86
C LEU A 1110 -1.92 22.09 -19.24
N THR A 1111 -2.51 22.79 -18.26
CA THR A 1111 -3.20 24.04 -18.56
C THR A 1111 -2.23 25.09 -19.10
N ARG A 1112 -1.07 25.24 -18.45
CA ARG A 1112 -0.13 26.24 -18.91
C ARG A 1112 0.36 25.94 -20.32
N SER A 1113 0.74 24.69 -20.59
CA SER A 1113 1.24 24.33 -21.91
C SER A 1113 0.17 24.50 -22.97
N THR A 1114 -1.06 24.09 -22.67
CA THR A 1114 -2.13 24.21 -23.65
C THR A 1114 -2.44 25.67 -23.95
N LEU A 1115 -2.47 26.52 -22.93
CA LEU A 1115 -2.68 27.94 -23.20
C LEU A 1115 -1.55 28.52 -24.04
N LEU A 1116 -0.31 28.17 -23.71
CA LEU A 1116 0.82 28.64 -24.51
C LEU A 1116 0.67 28.22 -25.96
N CYS A 1117 0.29 26.96 -26.20
CA CYS A 1117 0.21 26.46 -27.57
C CYS A 1117 -0.93 27.09 -28.34
N LEU A 1118 -2.12 27.16 -27.72
CA LEU A 1118 -3.26 27.78 -28.38
C LEU A 1118 -2.95 29.25 -28.69
N SER A 1119 -2.35 29.95 -27.73
CA SER A 1119 -2.02 31.36 -27.95
C SER A 1119 -0.98 31.51 -29.05
N ALA A 1120 0.01 30.62 -29.10
CA ALA A 1120 0.97 30.65 -30.19
C ALA A 1120 0.25 30.53 -31.52
N ILE A 1121 -0.45 29.40 -31.73
CA ILE A 1121 -1.17 29.18 -32.98
C ILE A 1121 -2.03 30.40 -33.33
N GLY A 1122 -2.71 30.96 -32.33
CA GLY A 1122 -3.53 32.13 -32.60
C GLY A 1122 -2.74 33.31 -33.09
N MET A 1123 -1.63 33.61 -32.41
CA MET A 1123 -0.80 34.74 -32.80
C MET A 1123 -0.24 34.55 -34.21
N ILE A 1124 0.24 33.34 -34.50
CA ILE A 1124 0.78 33.06 -35.83
C ILE A 1124 -0.31 33.25 -36.89
N SER A 1125 -1.48 32.65 -36.66
CA SER A 1125 -2.55 32.72 -37.65
C SER A 1125 -3.05 34.14 -37.84
N TYR A 1126 -3.03 34.95 -36.79
CA TYR A 1126 -3.42 36.35 -36.95
C TYR A 1126 -2.37 37.14 -37.71
N ALA A 1127 -1.10 36.85 -37.46
CA ALA A 1127 -0.03 37.56 -38.18
C ALA A 1127 -0.02 37.14 -39.65
N THR A 1128 0.16 35.86 -39.92
CA THR A 1128 0.13 35.32 -41.29
C THR A 1128 -1.16 34.54 -41.46
N PRO A 1129 -2.20 35.11 -42.08
CA PRO A 1129 -3.49 34.39 -42.15
C PRO A 1129 -3.38 33.03 -42.81
N VAL A 1130 -2.60 32.92 -43.89
CA VAL A 1130 -2.55 31.68 -44.65
C VAL A 1130 -2.17 30.50 -43.77
N PHE A 1131 -1.50 30.73 -42.64
CA PHE A 1131 -1.12 29.61 -41.78
C PHE A 1131 -2.30 28.72 -41.47
N LEU A 1132 -3.52 29.28 -41.44
CA LEU A 1132 -4.68 28.46 -41.12
C LEU A 1132 -4.74 27.21 -41.98
N ILE A 1133 -4.44 27.34 -43.27
CA ILE A 1133 -4.44 26.16 -44.15
C ILE A 1133 -3.54 25.09 -43.56
N ALA A 1134 -2.26 25.43 -43.34
CA ALA A 1134 -1.32 24.45 -42.81
C ALA A 1134 -1.83 23.86 -41.50
N LEU A 1135 -2.61 24.63 -40.74
CA LEU A 1135 -3.07 24.15 -39.45
C LEU A 1135 -4.00 22.95 -39.58
N ALA A 1136 -4.80 22.88 -40.66
CA ALA A 1136 -5.80 21.82 -40.75
C ALA A 1136 -5.18 20.47 -41.06
N PRO A 1137 -4.49 20.27 -42.21
CA PRO A 1137 -3.74 19.03 -42.41
C PRO A 1137 -2.94 18.59 -41.19
N LEU A 1138 -2.07 19.47 -40.68
CA LEU A 1138 -1.28 19.10 -39.51
C LEU A 1138 -2.18 18.67 -38.37
N GLY A 1139 -3.26 19.43 -38.13
CA GLY A 1139 -4.24 18.99 -37.15
C GLY A 1139 -4.65 17.55 -37.36
N VAL A 1140 -5.07 17.22 -38.58
CA VAL A 1140 -5.41 15.84 -38.91
C VAL A 1140 -4.30 14.91 -38.42
N ALA A 1141 -3.06 15.19 -38.84
CA ALA A 1141 -1.93 14.37 -38.39
C ALA A 1141 -1.99 14.16 -36.88
N PHE A 1142 -2.01 15.26 -36.13
CA PHE A 1142 -2.13 15.16 -34.68
C PHE A 1142 -3.21 14.17 -34.29
N TYR A 1143 -4.44 14.43 -34.75
CA TYR A 1143 -5.54 13.52 -34.44
C TYR A 1143 -5.07 12.07 -34.57
N PHE A 1144 -4.65 11.69 -35.78
CA PHE A 1144 -4.32 10.29 -36.03
C PHE A 1144 -3.34 9.77 -34.99
N ILE A 1145 -2.23 10.47 -34.78
CA ILE A 1145 -1.22 9.94 -33.87
C ILE A 1145 -1.87 9.69 -32.50
N GLN A 1146 -2.59 10.69 -31.99
CA GLN A 1146 -3.30 10.50 -30.73
C GLN A 1146 -4.06 9.18 -30.77
N LYS A 1147 -4.98 9.06 -31.73
CA LYS A 1147 -5.76 7.84 -31.86
C LYS A 1147 -4.88 6.61 -31.65
N TYR A 1148 -3.84 6.46 -32.48
CA TYR A 1148 -3.03 5.26 -32.40
C TYR A 1148 -2.43 5.11 -31.02
N PHE A 1149 -1.75 6.16 -30.53
CA PHE A 1149 -1.19 6.08 -29.19
C PHE A 1149 -2.27 5.63 -28.21
N ARG A 1150 -3.43 6.30 -28.25
CA ARG A 1150 -4.43 6.08 -27.23
C ARG A 1150 -4.97 4.67 -27.23
N VAL A 1151 -4.82 3.91 -28.32
CA VAL A 1151 -5.13 2.49 -28.23
C VAL A 1151 -3.95 1.73 -27.63
N ALA A 1152 -2.78 1.84 -28.27
CA ALA A 1152 -1.65 1.01 -27.84
C ALA A 1152 -1.31 1.28 -26.38
N SER A 1153 -1.12 2.55 -26.04
CA SER A 1153 -0.86 2.93 -24.65
C SER A 1153 -1.76 2.15 -23.71
N LYS A 1154 -3.08 2.23 -23.94
CA LYS A 1154 -4.01 1.60 -23.01
C LYS A 1154 -3.68 0.13 -22.84
N ASP A 1155 -3.55 -0.61 -23.95
CA ASP A 1155 -3.14 -2.00 -23.86
C ASP A 1155 -1.91 -2.15 -22.97
N LEU A 1156 -0.84 -1.42 -23.31
CA LEU A 1156 0.38 -1.52 -22.53
C LEU A 1156 0.11 -1.12 -21.08
N GLN A 1157 -0.67 -0.06 -20.87
CA GLN A 1157 -1.01 0.33 -19.50
C GLN A 1157 -1.56 -0.87 -18.75
N GLU A 1158 -2.53 -1.57 -19.34
CA GLU A 1158 -3.09 -2.75 -18.70
C GLU A 1158 -1.97 -3.73 -18.33
N LEU A 1159 -1.13 -4.06 -19.30
CA LEU A 1159 0.00 -4.94 -19.03
C LEU A 1159 0.73 -4.47 -17.77
N ASP A 1160 1.17 -3.21 -17.77
CA ASP A 1160 1.84 -2.66 -16.61
C ASP A 1160 1.09 -3.02 -15.35
N ASP A 1161 -0.17 -2.60 -15.25
CA ASP A 1161 -0.95 -2.88 -14.06
C ASP A 1161 -0.94 -4.38 -13.77
N SER A 1162 -1.30 -5.18 -14.76
CA SER A 1162 -1.43 -6.62 -14.54
C SER A 1162 -0.10 -7.23 -14.11
N THR A 1163 1.02 -6.67 -14.56
CA THR A 1163 2.30 -7.22 -14.13
C THR A 1163 2.71 -6.67 -12.77
N GLN A 1164 2.31 -5.44 -12.44
CA GLN A 1164 2.79 -4.85 -11.21
C GLN A 1164 2.09 -5.43 -9.99
N LEU A 1165 0.83 -5.85 -10.12
CA LEU A 1165 0.09 -6.30 -8.95
C LEU A 1165 0.68 -7.60 -8.39
N PRO A 1166 0.84 -8.68 -9.17
CA PRO A 1166 1.56 -9.86 -8.64
C PRO A 1166 2.84 -9.50 -7.94
N LEU A 1167 3.68 -8.69 -8.59
CA LEU A 1167 4.95 -8.29 -7.99
C LEU A 1167 4.76 -7.83 -6.55
N LEU A 1168 3.99 -6.76 -6.36
CA LEU A 1168 3.70 -6.30 -5.00
C LEU A 1168 3.20 -7.45 -4.14
N CYS A 1169 2.19 -8.18 -4.65
CA CYS A 1169 1.64 -9.30 -3.90
C CYS A 1169 2.77 -10.19 -3.40
N HIS A 1170 3.68 -10.58 -4.29
CA HIS A 1170 4.78 -11.44 -3.89
C HIS A 1170 5.46 -10.86 -2.66
N PHE A 1171 5.98 -9.63 -2.77
CA PHE A 1171 6.60 -8.97 -1.64
C PHE A 1171 5.76 -9.17 -0.39
N SER A 1172 4.49 -8.75 -0.45
CA SER A 1172 3.61 -8.90 0.70
C SER A 1172 3.67 -10.31 1.27
N GLU A 1173 3.34 -11.31 0.44
CA GLU A 1173 3.21 -12.66 0.97
C GLU A 1173 4.55 -13.23 1.43
N THR A 1174 5.67 -12.62 1.07
CA THR A 1174 6.95 -13.05 1.62
C THR A 1174 7.27 -12.32 2.92
N ALA A 1175 6.89 -11.05 3.03
CA ALA A 1175 7.05 -10.33 4.29
C ALA A 1175 6.24 -11.02 5.38
N GLU A 1176 4.93 -11.11 5.19
CA GLU A 1176 4.10 -11.93 6.06
C GLU A 1176 4.41 -13.39 5.80
N GLY A 1177 4.64 -14.15 6.87
CA GLY A 1177 5.05 -15.53 6.72
C GLY A 1177 6.53 -15.72 6.45
N LEU A 1178 7.36 -14.75 6.81
CA LEU A 1178 8.80 -14.88 6.60
C LEU A 1178 9.35 -16.08 7.35
N THR A 1179 8.85 -16.32 8.57
CA THR A 1179 9.33 -17.45 9.35
C THR A 1179 9.07 -18.78 8.64
N THR A 1180 7.99 -18.87 7.87
CA THR A 1180 7.75 -20.09 7.11
C THR A 1180 8.68 -20.17 5.90
N ILE A 1181 8.92 -19.04 5.24
CA ILE A 1181 9.85 -19.05 4.11
C ILE A 1181 11.22 -19.54 4.55
N ARG A 1182 11.66 -19.11 5.73
CA ARG A 1182 12.99 -19.43 6.22
C ARG A 1182 13.02 -20.67 7.10
N ALA A 1183 11.86 -21.27 7.40
CA ALA A 1183 11.85 -22.55 8.08
C ALA A 1183 11.90 -23.71 7.08
N PHE A 1184 11.16 -23.60 5.99
CA PHE A 1184 11.34 -24.52 4.87
C PHE A 1184 12.64 -24.28 4.12
N ARG A 1185 13.30 -23.14 4.35
CA ARG A 1185 14.54 -22.80 3.68
C ARG A 1185 14.37 -22.77 2.16
N HIS A 1186 13.27 -22.18 1.71
CA HIS A 1186 12.99 -21.98 0.29
C HIS A 1186 13.33 -20.57 -0.16
N GLU A 1187 14.36 -19.97 0.43
CA GLU A 1187 14.68 -18.58 0.13
C GLU A 1187 15.14 -18.41 -1.32
N THR A 1188 15.97 -19.34 -1.82
CA THR A 1188 16.49 -19.21 -3.17
C THR A 1188 15.37 -19.22 -4.20
N ARG A 1189 14.41 -20.14 -4.04
CA ARG A 1189 13.30 -20.22 -4.98
C ARG A 1189 12.52 -18.91 -5.01
N PHE A 1190 12.26 -18.33 -3.84
CA PHE A 1190 11.52 -17.09 -3.76
C PHE A 1190 12.31 -15.92 -4.36
N LYS A 1191 13.62 -15.89 -4.14
CA LYS A 1191 14.44 -14.87 -4.80
C LYS A 1191 14.31 -14.96 -6.31
N GLN A 1192 14.39 -16.18 -6.84
CA GLN A 1192 14.30 -16.34 -8.29
C GLN A 1192 12.92 -15.95 -8.82
N ARG A 1193 11.87 -16.29 -8.07
CA ARG A 1193 10.52 -15.88 -8.45
C ARG A 1193 10.41 -14.36 -8.51
N MET A 1194 10.95 -13.68 -7.49
CA MET A 1194 10.91 -12.22 -7.49
C MET A 1194 11.68 -11.67 -8.69
N LEU A 1195 12.83 -12.24 -9.00
CA LEU A 1195 13.60 -11.76 -10.16
C LEU A 1195 12.77 -11.89 -11.44
N GLU A 1196 12.11 -13.03 -11.62
CA GLU A 1196 11.28 -13.23 -12.80
C GLU A 1196 10.18 -12.17 -12.86
N LEU A 1197 9.46 -11.97 -11.75
CA LEU A 1197 8.33 -11.05 -11.77
C LEU A 1197 8.78 -9.63 -12.03
N THR A 1198 9.88 -9.20 -11.41
CA THR A 1198 10.36 -7.84 -11.65
C THR A 1198 10.85 -7.69 -13.08
N ASP A 1199 11.44 -8.72 -13.68
CA ASP A 1199 11.83 -8.63 -15.08
C ASP A 1199 10.61 -8.43 -15.98
N THR A 1200 9.55 -9.20 -15.72
CA THR A 1200 8.32 -9.03 -16.52
C THR A 1200 7.76 -7.62 -16.38
N ASN A 1201 7.66 -7.14 -15.14
CA ASN A 1201 7.14 -5.79 -14.91
C ASN A 1201 8.02 -4.75 -15.59
N ASN A 1202 9.33 -4.97 -15.59
CA ASN A 1202 10.24 -4.02 -16.24
C ASN A 1202 10.05 -4.01 -17.75
N ILE A 1203 9.85 -5.19 -18.36
CA ILE A 1203 9.54 -5.20 -19.79
C ILE A 1203 8.29 -4.37 -20.06
N ALA A 1204 7.24 -4.60 -19.25
CA ALA A 1204 5.98 -3.89 -19.46
C ALA A 1204 6.20 -2.38 -19.39
N TYR A 1205 6.90 -1.92 -18.35
CA TYR A 1205 7.09 -0.48 -18.19
C TYR A 1205 7.99 0.09 -19.28
N LEU A 1206 9.00 -0.67 -19.70
CA LEU A 1206 9.87 -0.20 -20.77
C LEU A 1206 9.06 0.04 -22.04
N PHE A 1207 8.17 -0.88 -22.40
CA PHE A 1207 7.43 -0.69 -23.64
C PHE A 1207 6.31 0.35 -23.48
N LEU A 1208 5.77 0.52 -22.28
CA LEU A 1208 4.89 1.67 -22.04
C LEU A 1208 5.63 2.98 -22.32
N SER A 1209 6.84 3.12 -21.76
CA SER A 1209 7.63 4.31 -22.04
C SER A 1209 7.97 4.43 -23.51
N ALA A 1210 8.17 3.29 -24.19
CA ALA A 1210 8.47 3.34 -25.61
C ALA A 1210 7.30 3.90 -26.41
N ALA A 1211 6.06 3.49 -26.07
CA ALA A 1211 4.91 4.09 -26.72
C ALA A 1211 4.85 5.59 -26.44
N ASN A 1212 5.09 5.98 -25.19
CA ASN A 1212 5.09 7.39 -24.84
C ASN A 1212 6.08 8.18 -25.70
N ARG A 1213 7.29 7.64 -25.84
CA ARG A 1213 8.32 8.35 -26.61
C ARG A 1213 8.00 8.34 -28.10
N TRP A 1214 7.39 7.28 -28.61
CA TRP A 1214 6.91 7.31 -29.99
C TRP A 1214 6.00 8.51 -30.20
N LEU A 1215 5.00 8.67 -29.32
CA LEU A 1215 4.09 9.79 -29.46
C LEU A 1215 4.83 11.12 -29.34
N GLU A 1216 5.74 11.23 -28.37
CA GLU A 1216 6.44 12.50 -28.16
C GLU A 1216 7.30 12.87 -29.37
N VAL A 1217 7.97 11.89 -29.97
CA VAL A 1217 8.80 12.18 -31.14
C VAL A 1217 7.92 12.59 -32.32
N ARG A 1218 6.80 11.89 -32.53
CA ARG A 1218 5.93 12.28 -33.65
C ARG A 1218 5.40 13.69 -33.45
N THR A 1219 5.01 14.04 -32.23
CA THR A 1219 4.54 15.40 -31.98
C THR A 1219 5.67 16.42 -32.14
N ASP A 1220 6.90 16.04 -31.79
CA ASP A 1220 8.02 16.96 -32.00
C ASP A 1220 8.23 17.24 -33.48
N TYR A 1221 8.14 16.19 -34.32
CA TYR A 1221 8.26 16.42 -35.76
C TYR A 1221 7.09 17.25 -36.29
N LEU A 1222 5.88 17.02 -35.75
CA LEU A 1222 4.75 17.86 -36.12
C LEU A 1222 5.02 19.32 -35.77
N GLY A 1223 5.57 19.56 -34.59
CA GLY A 1223 5.91 20.92 -34.20
C GLY A 1223 6.96 21.54 -35.09
N ALA A 1224 7.98 20.76 -35.47
CA ALA A 1224 9.00 21.28 -36.38
C ALA A 1224 8.39 21.63 -37.73
N CYS A 1225 7.46 20.80 -38.21
CA CYS A 1225 6.73 21.14 -39.43
C CYS A 1225 5.96 22.44 -39.25
N ILE A 1226 5.35 22.65 -38.08
CA ILE A 1226 4.66 23.91 -37.83
C ILE A 1226 5.63 25.07 -37.90
N VAL A 1227 6.81 24.91 -37.29
CA VAL A 1227 7.79 26.01 -37.32
C VAL A 1227 8.16 26.32 -38.76
N LEU A 1228 8.38 25.29 -39.58
CA LEU A 1228 8.78 25.53 -40.96
C LEU A 1228 7.66 26.20 -41.75
N THR A 1229 6.43 25.71 -41.60
CA THR A 1229 5.31 26.30 -42.34
C THR A 1229 5.10 27.75 -41.92
N ALA A 1230 5.13 28.01 -40.61
CA ALA A 1230 4.94 29.38 -40.13
C ALA A 1230 6.06 30.28 -40.64
N SER A 1231 7.30 29.78 -40.65
CA SER A 1231 8.41 30.56 -41.14
C SER A 1231 8.21 30.93 -42.61
N ILE A 1232 7.88 29.93 -43.44
CA ILE A 1232 7.72 30.19 -44.87
C ILE A 1232 6.55 31.15 -45.11
N ALA A 1233 5.48 31.00 -44.33
CA ALA A 1233 4.34 31.90 -44.49
C ALA A 1233 4.72 33.33 -44.12
N SER A 1234 5.45 33.51 -43.03
CA SER A 1234 5.82 34.85 -42.59
C SER A 1234 6.78 35.50 -43.59
N ILE A 1235 7.72 34.74 -44.13
CA ILE A 1235 8.71 35.33 -45.04
C ILE A 1235 8.01 35.95 -46.24
N SER A 1236 6.95 35.31 -46.73
CA SER A 1236 6.19 35.84 -47.85
C SER A 1236 4.75 36.13 -47.44
N SER A 1241 4.52 44.60 -39.99
CA SER A 1241 5.51 43.56 -40.26
C SER A 1241 6.10 43.03 -38.95
N GLY A 1242 5.84 43.72 -37.84
CA GLY A 1242 6.26 43.20 -36.55
C GLY A 1242 5.40 42.05 -36.07
N LEU A 1243 4.10 42.07 -36.41
CA LEU A 1243 3.22 40.97 -36.06
C LEU A 1243 3.75 39.66 -36.62
N VAL A 1244 4.26 39.67 -37.86
CA VAL A 1244 4.72 38.44 -38.48
C VAL A 1244 6.04 37.98 -37.88
N GLY A 1245 6.80 38.88 -37.24
CA GLY A 1245 7.97 38.47 -36.50
C GLY A 1245 7.59 37.82 -35.18
N LEU A 1246 6.62 38.43 -34.49
CA LEU A 1246 6.08 37.81 -33.28
C LEU A 1246 5.53 36.42 -33.59
N GLY A 1247 4.97 36.25 -34.79
CA GLY A 1247 4.49 34.93 -35.19
C GLY A 1247 5.58 33.88 -35.10
N LEU A 1248 6.76 34.19 -35.66
CA LEU A 1248 7.87 33.25 -35.59
C LEU A 1248 8.36 33.07 -34.15
N LEU A 1249 8.38 34.18 -33.40
CA LEU A 1249 8.81 34.10 -32.02
C LEU A 1249 7.99 33.06 -31.25
N TYR A 1250 6.70 32.97 -31.56
CA TYR A 1250 5.87 31.94 -30.92
C TYR A 1250 5.99 30.58 -31.60
N ALA A 1251 6.19 30.58 -32.92
CA ALA A 1251 6.36 29.33 -33.66
C ALA A 1251 7.50 28.52 -33.04
N LEU A 1252 8.56 29.18 -32.62
CA LEU A 1252 9.68 28.45 -32.01
C LEU A 1252 9.23 27.62 -30.81
N THR A 1253 8.50 28.24 -29.88
CA THR A 1253 8.13 27.58 -28.63
C THR A 1253 6.97 26.60 -28.80
N ILE A 1254 6.25 26.67 -29.93
CA ILE A 1254 5.21 25.66 -30.18
C ILE A 1254 5.80 24.26 -30.03
N THR A 1255 7.03 24.06 -30.50
CA THR A 1255 7.62 22.72 -30.51
C THR A 1255 7.73 22.15 -29.10
N ASN A 1256 8.20 22.95 -28.16
CA ASN A 1256 8.37 22.46 -26.80
C ASN A 1256 7.01 22.29 -26.10
N TYR A 1257 6.15 23.30 -26.21
CA TYR A 1257 4.94 23.27 -25.41
C TYR A 1257 3.93 22.27 -25.95
N LEU A 1258 3.98 21.93 -27.24
CA LEU A 1258 3.11 20.87 -27.76
C LEU A 1258 3.49 19.52 -27.16
N ASN A 1259 4.79 19.20 -27.16
CA ASN A 1259 5.26 17.99 -26.49
C ASN A 1259 4.77 17.95 -25.05
N TRP A 1260 4.93 19.06 -24.32
CA TRP A 1260 4.49 19.06 -22.93
C TRP A 1260 2.99 18.84 -22.81
N VAL A 1261 2.20 19.49 -23.65
CA VAL A 1261 0.75 19.31 -23.62
C VAL A 1261 0.41 17.83 -23.76
N VAL A 1262 1.01 17.17 -24.75
CA VAL A 1262 0.64 15.78 -25.03
C VAL A 1262 1.02 14.88 -23.86
N ARG A 1263 2.25 15.02 -23.35
CA ARG A 1263 2.69 14.17 -22.26
C ARG A 1263 1.79 14.35 -21.03
N ASN A 1264 1.51 15.60 -20.69
CA ASN A 1264 0.70 15.87 -19.51
C ASN A 1264 -0.74 15.39 -19.70
N LEU A 1265 -1.28 15.47 -20.92
CA LEU A 1265 -2.63 14.96 -21.15
C LEU A 1265 -2.68 13.45 -20.91
N ALA A 1266 -1.66 12.73 -21.37
CA ALA A 1266 -1.63 11.28 -21.11
C ALA A 1266 -1.57 10.99 -19.61
N ASP A 1267 -0.67 11.68 -18.90
CA ASP A 1267 -0.55 11.44 -17.46
C ASP A 1267 -1.86 11.77 -16.75
N LEU A 1268 -2.50 12.87 -17.14
CA LEU A 1268 -3.76 13.25 -16.51
C LEU A 1268 -4.85 12.22 -16.78
N GLU A 1269 -4.86 11.63 -17.97
CA GLU A 1269 -5.83 10.57 -18.24
C GLU A 1269 -5.63 9.40 -17.27
N VAL A 1270 -4.37 9.01 -17.05
CA VAL A 1270 -4.12 7.89 -16.13
C VAL A 1270 -4.60 8.25 -14.71
N GLN A 1271 -4.28 9.44 -14.25
CA GLN A 1271 -4.63 9.80 -12.88
C GLN A 1271 -6.13 10.02 -12.72
N MET A 1272 -6.81 10.47 -13.77
CA MET A 1272 -8.27 10.50 -13.72
C MET A 1272 -8.84 9.09 -13.67
N GLY A 1273 -8.16 8.12 -14.28
CA GLY A 1273 -8.54 6.72 -14.07
C GLY A 1273 -8.47 6.33 -12.60
N ALA A 1274 -7.42 6.78 -11.91
CA ALA A 1274 -7.34 6.57 -10.46
C ALA A 1274 -8.53 7.23 -9.73
N VAL A 1275 -8.86 8.46 -10.11
CA VAL A 1275 -10.02 9.14 -9.52
C VAL A 1275 -11.28 8.32 -9.74
N LYS A 1276 -11.42 7.73 -10.93
CA LYS A 1276 -12.56 6.86 -11.22
C LYS A 1276 -12.59 5.67 -10.27
N LYS A 1277 -11.42 5.06 -10.04
CA LYS A 1277 -11.35 3.95 -9.10
C LYS A 1277 -11.89 4.35 -7.74
N VAL A 1278 -11.53 5.55 -7.27
CA VAL A 1278 -12.03 6.00 -5.97
C VAL A 1278 -13.54 6.22 -6.02
N ASN A 1279 -14.01 6.91 -7.06
CA ASN A 1279 -15.43 7.24 -7.12
C ASN A 1279 -16.31 6.01 -7.29
N SER A 1280 -15.74 4.88 -7.73
CA SER A 1280 -16.55 3.68 -7.93
C SER A 1280 -17.19 3.19 -6.63
N PHE A 1281 -16.46 3.29 -5.52
CA PHE A 1281 -16.91 2.72 -4.25
C PHE A 1281 -18.03 3.51 -3.59
N LEU A 1282 -18.52 4.59 -4.18
CA LEU A 1282 -19.52 5.43 -3.55
C LEU A 1282 -20.95 4.92 -3.75
N THR A 1283 -21.13 3.80 -4.45
CA THR A 1283 -22.46 3.23 -4.68
C THR A 1283 -22.68 1.96 -3.88
N MET A 1284 -21.87 1.71 -2.85
CA MET A 1284 -22.03 0.51 -2.06
C MET A 1284 -23.37 0.51 -1.32
N GLU A 1285 -23.78 -0.68 -0.89
CA GLU A 1285 -24.92 -0.79 -0.01
C GLU A 1285 -24.56 -0.30 1.39
N SER A 1286 -25.56 0.15 2.13
CA SER A 1286 -25.38 0.63 3.49
C SER A 1286 -26.27 -0.15 4.43
N GLU A 1287 -25.73 -0.53 5.59
CA GLU A 1287 -26.55 -1.16 6.62
C GLU A 1287 -27.63 -0.18 7.07
N ASN A 1288 -28.85 -0.68 7.19
CA ASN A 1288 -30.00 0.15 7.55
C ASN A 1288 -29.94 0.43 9.05
N TYR A 1289 -29.10 1.41 9.41
CA TYR A 1289 -28.95 1.80 10.81
C TYR A 1289 -30.19 2.50 11.36
N GLU A 1290 -31.02 3.06 10.49
CA GLU A 1290 -32.12 3.90 10.97
C GLU A 1290 -33.03 3.15 11.93
N GLY A 1291 -33.51 1.99 11.53
CA GLY A 1291 -34.42 1.21 12.33
C GLY A 1291 -35.83 1.79 12.31
N THR A 1292 -36.76 1.02 12.87
CA THR A 1292 -38.17 1.38 12.87
C THR A 1292 -38.64 1.94 14.21
N MET A 1293 -38.18 1.37 15.33
CA MET A 1293 -38.67 1.77 16.64
C MET A 1293 -38.14 3.16 16.99
N ASP A 1294 -39.03 4.03 17.45
CA ASP A 1294 -38.61 5.34 17.91
C ASP A 1294 -37.72 5.17 19.15
N PRO A 1295 -36.59 5.87 19.24
CA PRO A 1295 -35.70 5.67 20.40
C PRO A 1295 -36.38 5.90 21.74
N SER A 1296 -37.52 6.62 21.76
CA SER A 1296 -38.24 6.83 23.00
C SER A 1296 -38.84 5.53 23.52
N GLN A 1297 -39.35 4.69 22.62
CA GLN A 1297 -40.00 3.45 23.05
C GLN A 1297 -39.01 2.42 23.56
N VAL A 1298 -37.71 2.59 23.27
CA VAL A 1298 -36.69 1.66 23.74
C VAL A 1298 -36.32 2.05 25.17
N PRO A 1299 -36.50 1.16 26.15
CA PRO A 1299 -36.15 1.52 27.53
C PRO A 1299 -34.69 1.90 27.68
N GLU A 1300 -34.40 2.66 28.74
CA GLU A 1300 -33.03 3.10 28.97
C GLU A 1300 -32.09 1.91 29.12
N HIS A 1301 -32.55 0.85 29.78
CA HIS A 1301 -31.78 -0.38 29.96
C HIS A 1301 -32.59 -1.50 29.30
N TRP A 1302 -32.40 -1.64 27.98
CA TRP A 1302 -33.25 -2.58 27.23
C TRP A 1302 -33.01 -4.03 27.64
N PRO A 1303 -31.77 -4.56 27.65
CA PRO A 1303 -31.54 -5.96 28.03
C PRO A 1303 -31.44 -6.17 29.54
N GLN A 1304 -32.38 -5.56 30.27
CA GLN A 1304 -32.37 -5.64 31.72
C GLN A 1304 -32.44 -7.09 32.19
N GLU A 1305 -33.54 -7.77 31.87
CA GLU A 1305 -33.69 -9.18 32.24
C GLU A 1305 -32.84 -10.09 31.37
N GLY A 1306 -32.52 -9.68 30.14
CA GLY A 1306 -31.73 -10.50 29.24
C GLY A 1306 -32.40 -11.84 28.95
N GLU A 1307 -33.61 -11.78 28.40
CA GLU A 1307 -34.40 -12.98 28.11
C GLU A 1307 -34.53 -13.10 26.59
N ILE A 1308 -33.64 -13.88 25.98
CA ILE A 1308 -33.75 -14.16 24.55
C ILE A 1308 -34.89 -15.13 24.32
N LYS A 1309 -35.64 -14.91 23.24
CA LYS A 1309 -36.70 -15.84 22.81
C LYS A 1309 -36.62 -15.90 21.29
N ILE A 1310 -36.05 -16.99 20.79
CA ILE A 1310 -35.96 -17.22 19.35
C ILE A 1310 -37.21 -17.98 18.92
N HIS A 1311 -37.87 -17.48 17.87
CA HIS A 1311 -39.07 -18.12 17.34
C HIS A 1311 -38.86 -18.37 15.86
N ASP A 1312 -38.79 -19.66 15.50
CA ASP A 1312 -38.73 -20.15 14.13
C ASP A 1312 -37.79 -19.30 13.27
N LEU A 1313 -36.53 -19.29 13.67
CA LEU A 1313 -35.52 -18.49 12.99
C LEU A 1313 -34.99 -19.21 11.77
N CYS A 1314 -34.87 -18.48 10.66
CA CYS A 1314 -34.25 -18.98 9.44
C CYS A 1314 -33.23 -17.95 9.00
N VAL A 1315 -32.02 -18.41 8.71
CA VAL A 1315 -30.88 -17.53 8.49
C VAL A 1315 -30.06 -18.04 7.32
N ARG A 1316 -29.76 -17.13 6.39
CA ARG A 1316 -28.83 -17.35 5.28
C ARG A 1316 -27.88 -16.16 5.21
N TYR A 1317 -26.59 -16.42 5.03
CA TYR A 1317 -25.60 -15.35 5.13
C TYR A 1317 -25.80 -14.29 4.04
N GLU A 1318 -26.05 -14.72 2.81
CA GLU A 1318 -26.30 -13.81 1.70
C GLU A 1318 -27.58 -14.24 0.99
N ASN A 1319 -28.05 -13.40 0.09
CA ASN A 1319 -29.24 -13.71 -0.67
C ASN A 1319 -28.97 -14.91 -1.59
N ASN A 1320 -29.92 -15.85 -1.61
CA ASN A 1320 -29.87 -17.01 -2.49
C ASN A 1320 -28.82 -18.03 -2.06
N LEU A 1321 -28.54 -18.11 -0.75
CA LEU A 1321 -27.71 -19.16 -0.19
C LEU A 1321 -28.59 -20.05 0.69
N LYS A 1322 -28.29 -21.35 0.69
CA LYS A 1322 -29.10 -22.29 1.47
C LYS A 1322 -29.16 -21.82 2.92
N PRO A 1323 -30.29 -22.04 3.61
CA PRO A 1323 -30.39 -21.52 4.98
C PRO A 1323 -29.43 -22.21 5.92
N VAL A 1324 -28.39 -21.50 6.36
CA VAL A 1324 -27.46 -22.07 7.32
C VAL A 1324 -28.18 -22.39 8.61
N LEU A 1325 -29.30 -21.71 8.89
CA LEU A 1325 -30.08 -21.97 10.10
C LEU A 1325 -31.55 -22.12 9.71
N LYS A 1326 -32.19 -23.17 10.21
CA LYS A 1326 -33.56 -23.52 9.83
C LYS A 1326 -34.38 -23.82 11.07
N HIS A 1327 -35.51 -23.12 11.22
CA HIS A 1327 -36.53 -23.45 12.21
C HIS A 1327 -35.93 -23.63 13.60
N VAL A 1328 -35.17 -22.63 14.04
CA VAL A 1328 -34.59 -22.62 15.38
C VAL A 1328 -35.60 -21.99 16.33
N LYS A 1329 -36.05 -22.77 17.30
CA LYS A 1329 -36.95 -22.28 18.34
C LYS A 1329 -36.35 -22.61 19.70
N ALA A 1330 -36.03 -21.57 20.47
CA ALA A 1330 -35.48 -21.74 21.80
C ALA A 1330 -35.89 -20.55 22.65
N TYR A 1331 -36.00 -20.78 23.96
CA TYR A 1331 -36.39 -19.74 24.93
C TYR A 1331 -35.36 -19.74 26.05
N ILE A 1332 -34.48 -18.75 26.03
CA ILE A 1332 -33.44 -18.61 27.05
C ILE A 1332 -33.97 -17.70 28.16
N LYS A 1333 -34.10 -18.26 29.36
CA LYS A 1333 -34.65 -17.51 30.48
C LYS A 1333 -33.66 -16.45 30.96
N PRO A 1334 -34.13 -15.45 31.70
CA PRO A 1334 -33.20 -14.48 32.31
C PRO A 1334 -32.18 -15.19 33.19
N GLY A 1335 -30.91 -14.93 32.93
CA GLY A 1335 -29.84 -15.55 33.68
C GLY A 1335 -29.74 -17.05 33.50
N GLN A 1336 -30.07 -17.57 32.31
CA GLN A 1336 -29.98 -18.99 32.00
C GLN A 1336 -28.71 -19.21 31.21
N LYS A 1337 -27.72 -19.87 31.82
CA LYS A 1337 -26.48 -20.18 31.13
C LYS A 1337 -26.76 -21.23 30.06
N VAL A 1338 -26.43 -20.91 28.81
CA VAL A 1338 -26.75 -21.79 27.68
C VAL A 1338 -25.45 -22.23 27.01
N GLY A 1339 -25.41 -23.50 26.61
CA GLY A 1339 -24.33 -24.04 25.82
C GLY A 1339 -24.83 -24.38 24.43
N ILE A 1340 -23.95 -24.21 23.43
CA ILE A 1340 -24.23 -24.55 22.05
C ILE A 1340 -23.05 -25.34 21.52
N CYS A 1341 -23.31 -26.56 21.05
CA CYS A 1341 -22.24 -27.43 20.57
C CYS A 1341 -22.74 -28.23 19.38
N GLY A 1342 -21.87 -28.39 18.40
CA GLY A 1342 -22.17 -29.20 17.23
C GLY A 1342 -20.94 -29.28 16.36
N ARG A 1343 -21.02 -30.12 15.32
CA ARG A 1343 -19.90 -30.25 14.41
C ARG A 1343 -19.67 -28.93 13.68
N THR A 1344 -18.42 -28.74 13.25
CA THR A 1344 -18.09 -27.54 12.49
C THR A 1344 -18.97 -27.46 11.25
N GLY A 1345 -19.64 -26.32 11.08
CA GLY A 1345 -20.55 -26.12 9.97
C GLY A 1345 -22.02 -26.25 10.32
N SER A 1346 -22.37 -26.36 11.60
CA SER A 1346 -23.75 -26.47 12.02
C SER A 1346 -24.41 -25.12 12.28
N GLY A 1347 -23.74 -24.02 11.94
CA GLY A 1347 -24.34 -22.70 12.03
C GLY A 1347 -24.46 -22.11 13.41
N LYS A 1348 -23.65 -22.57 14.37
CA LYS A 1348 -23.65 -21.97 15.70
C LYS A 1348 -23.23 -20.49 15.62
N SER A 1349 -22.15 -20.22 14.89
CA SER A 1349 -21.72 -18.85 14.68
C SER A 1349 -22.79 -18.03 13.98
N SER A 1350 -23.61 -18.67 13.14
CA SER A 1350 -24.68 -17.93 12.49
C SER A 1350 -25.68 -17.41 13.50
N LEU A 1351 -26.01 -18.21 14.52
CA LEU A 1351 -26.88 -17.71 15.59
C LEU A 1351 -26.18 -16.61 16.38
N SER A 1352 -24.91 -16.82 16.72
CA SER A 1352 -24.16 -15.80 17.45
C SER A 1352 -24.24 -14.46 16.73
N LEU A 1353 -24.04 -14.46 15.41
CA LEU A 1353 -24.13 -13.24 14.63
C LEU A 1353 -25.57 -12.79 14.38
N ALA A 1354 -26.53 -13.71 14.45
CA ALA A 1354 -27.93 -13.35 14.28
C ALA A 1354 -28.40 -12.49 15.44
N PHE A 1355 -27.92 -12.77 16.66
CA PHE A 1355 -28.27 -11.91 17.78
C PHE A 1355 -27.91 -10.46 17.52
N PHE A 1356 -26.87 -10.22 16.70
CA PHE A 1356 -26.43 -8.87 16.37
C PHE A 1356 -26.86 -8.42 14.97
N ARG A 1357 -27.69 -9.22 14.29
CA ARG A 1357 -28.22 -8.88 12.98
C ARG A 1357 -27.10 -8.60 11.97
N MET A 1358 -26.29 -9.63 11.74
CA MET A 1358 -25.30 -9.64 10.68
C MET A 1358 -25.59 -10.66 9.60
N VAL A 1359 -26.05 -11.86 9.99
CA VAL A 1359 -26.60 -12.81 9.05
C VAL A 1359 -28.05 -12.42 8.75
N ASP A 1360 -28.41 -12.40 7.48
CA ASP A 1360 -29.75 -11.97 7.08
C ASP A 1360 -30.79 -12.95 7.61
N ILE A 1361 -31.77 -12.42 8.34
CA ILE A 1361 -32.83 -13.22 8.95
C ILE A 1361 -34.01 -13.19 7.99
N PHE A 1362 -34.16 -14.25 7.18
CA PHE A 1362 -35.29 -14.33 6.26
C PHE A 1362 -36.61 -14.36 7.03
N ASP A 1363 -36.73 -15.26 8.01
CA ASP A 1363 -37.98 -15.47 8.73
C ASP A 1363 -37.68 -15.75 10.19
N GLY A 1364 -38.68 -15.48 11.04
CA GLY A 1364 -38.54 -15.71 12.46
C GLY A 1364 -38.09 -14.48 13.21
N LYS A 1365 -38.26 -14.51 14.53
CA LYS A 1365 -37.97 -13.35 15.35
C LYS A 1365 -37.13 -13.73 16.55
N ILE A 1366 -36.11 -12.91 16.84
CA ILE A 1366 -35.35 -13.05 18.08
C ILE A 1366 -35.77 -11.91 18.99
N VAL A 1367 -36.74 -12.17 19.87
CA VAL A 1367 -37.25 -11.16 20.80
C VAL A 1367 -36.37 -11.20 22.04
N ILE A 1368 -35.57 -10.15 22.23
CA ILE A 1368 -34.67 -10.05 23.37
C ILE A 1368 -35.26 -9.02 24.33
N ASP A 1369 -35.68 -9.49 25.50
CA ASP A 1369 -36.18 -8.62 26.58
C ASP A 1369 -37.34 -7.74 26.10
N GLY A 1370 -38.26 -8.34 25.35
CA GLY A 1370 -39.50 -7.70 25.00
C GLY A 1370 -39.52 -6.94 23.69
N ILE A 1371 -38.36 -6.68 23.09
CA ILE A 1371 -38.27 -5.94 21.83
C ILE A 1371 -37.76 -6.88 20.75
N ASP A 1372 -38.42 -6.85 19.59
CA ASP A 1372 -37.92 -7.56 18.43
C ASP A 1372 -36.67 -6.86 17.91
N ILE A 1373 -35.56 -7.59 17.85
CA ILE A 1373 -34.28 -6.99 17.47
C ILE A 1373 -34.27 -6.48 16.04
N SER A 1374 -35.28 -6.85 15.23
CA SER A 1374 -35.35 -6.35 13.87
C SER A 1374 -35.72 -4.87 13.83
N LYS A 1375 -36.46 -4.38 14.83
CA LYS A 1375 -36.88 -3.00 14.84
C LYS A 1375 -35.78 -2.05 15.31
N LEU A 1376 -35.03 -2.44 16.34
CA LEU A 1376 -34.10 -1.52 16.97
C LEU A 1376 -33.08 -1.01 15.95
N PRO A 1377 -32.67 0.26 16.03
CA PRO A 1377 -31.54 0.72 15.23
C PRO A 1377 -30.29 -0.07 15.62
N LEU A 1378 -29.45 -0.37 14.63
CA LEU A 1378 -28.36 -1.31 14.84
C LEU A 1378 -27.43 -0.85 15.96
N HIS A 1379 -27.23 0.46 16.11
CA HIS A 1379 -26.28 0.92 17.12
C HIS A 1379 -26.80 0.76 18.54
N THR A 1380 -28.04 0.33 18.72
CA THR A 1380 -28.54 -0.03 20.04
C THR A 1380 -28.56 -1.54 20.27
N LEU A 1381 -28.60 -2.33 19.19
CA LEU A 1381 -28.50 -3.79 19.31
C LEU A 1381 -27.04 -4.23 19.36
N ARG A 1382 -26.17 -3.56 18.61
CA ARG A 1382 -24.75 -3.87 18.66
C ARG A 1382 -24.11 -3.39 19.96
N SER A 1383 -24.60 -2.28 20.50
CA SER A 1383 -23.94 -1.65 21.64
C SER A 1383 -24.25 -2.34 22.97
N ARG A 1384 -25.45 -2.91 23.12
CA ARG A 1384 -25.88 -3.46 24.39
C ARG A 1384 -25.74 -4.97 24.48
N LEU A 1385 -25.08 -5.60 23.50
CA LEU A 1385 -24.78 -7.02 23.53
C LEU A 1385 -23.31 -7.21 23.22
N SER A 1386 -22.67 -8.12 23.95
CA SER A 1386 -21.23 -8.35 23.81
C SER A 1386 -20.99 -9.76 23.30
N ILE A 1387 -20.13 -9.89 22.30
CA ILE A 1387 -19.77 -11.17 21.71
C ILE A 1387 -18.26 -11.31 21.72
N ILE A 1388 -17.77 -12.53 21.94
CA ILE A 1388 -16.35 -12.84 21.88
C ILE A 1388 -16.15 -13.79 20.70
N LEU A 1389 -15.59 -13.27 19.61
CA LEU A 1389 -15.34 -14.10 18.44
C LEU A 1389 -14.14 -15.01 18.68
N GLN A 1390 -14.09 -16.11 17.93
CA GLN A 1390 -12.99 -17.06 18.08
C GLN A 1390 -11.66 -16.44 17.67
N ASP A 1391 -11.66 -15.67 16.59
CA ASP A 1391 -10.42 -15.05 16.13
C ASP A 1391 -10.11 -13.81 16.97
N PRO A 1392 -8.90 -13.70 17.53
CA PRO A 1392 -8.55 -12.49 18.28
C PRO A 1392 -8.15 -11.36 17.35
N ILE A 1393 -8.79 -10.20 17.51
CA ILE A 1393 -8.47 -9.01 16.73
C ILE A 1393 -8.04 -7.92 17.71
N LEU A 1394 -6.76 -7.58 17.72
CA LEU A 1394 -6.22 -6.53 18.58
C LEU A 1394 -5.73 -5.38 17.70
N PHE A 1395 -6.10 -4.16 18.08
CA PHE A 1395 -5.76 -2.98 17.31
C PHE A 1395 -4.50 -2.33 17.88
N SER A 1396 -3.71 -1.74 16.98
CA SER A 1396 -2.44 -1.15 17.39
C SER A 1396 -2.68 0.03 18.34
N GLY A 1397 -1.96 0.04 19.44
CA GLY A 1397 -2.09 1.05 20.46
C GLY A 1397 -1.77 0.48 21.82
N SER A 1398 -2.25 1.16 22.86
CA SER A 1398 -2.07 0.68 24.22
C SER A 1398 -3.11 -0.37 24.57
N ILE A 1399 -2.84 -1.10 25.66
CA ILE A 1399 -3.83 -2.06 26.16
C ILE A 1399 -5.13 -1.34 26.51
N ARG A 1400 -5.02 -0.13 27.05
CA ARG A 1400 -6.21 0.65 27.38
C ARG A 1400 -7.04 0.93 26.13
N PHE A 1401 -6.39 1.28 25.02
CA PHE A 1401 -7.12 1.54 23.79
C PHE A 1401 -7.86 0.31 23.29
N ASN A 1402 -7.29 -0.88 23.49
CA ASN A 1402 -7.94 -2.10 23.04
C ASN A 1402 -9.03 -2.58 24.01
N LEU A 1403 -8.95 -2.20 25.28
CA LEU A 1403 -10.01 -2.57 26.22
C LEU A 1403 -11.20 -1.61 26.17
N ASP A 1404 -10.96 -0.33 25.90
CA ASP A 1404 -12.05 0.61 25.63
C ASP A 1404 -11.54 1.78 24.79
N PRO A 1405 -11.86 1.81 23.49
CA PRO A 1405 -11.42 2.96 22.68
C PRO A 1405 -12.06 4.27 23.09
N GLU A 1406 -13.23 4.24 23.74
CA GLU A 1406 -13.92 5.46 24.10
C GLU A 1406 -13.25 6.20 25.27
N CYS A 1407 -12.43 5.50 26.05
CA CYS A 1407 -11.74 6.05 27.22
C CYS A 1407 -12.71 6.45 28.33
N LYS A 1408 -13.94 5.95 28.29
CA LYS A 1408 -14.89 6.24 29.36
C LYS A 1408 -14.56 5.46 30.62
N CYS A 1409 -14.21 4.18 30.48
CA CYS A 1409 -14.11 3.29 31.62
C CYS A 1409 -13.05 3.76 32.61
N THR A 1410 -13.37 3.62 33.90
CA THR A 1410 -12.39 3.88 34.93
C THR A 1410 -11.30 2.81 34.91
N ASP A 1411 -10.10 3.18 35.38
CA ASP A 1411 -9.00 2.24 35.41
C ASP A 1411 -9.36 0.99 36.21
N ASP A 1412 -10.15 1.17 37.28
CA ASP A 1412 -10.53 0.03 38.11
C ASP A 1412 -11.36 -0.98 37.31
N ARG A 1413 -12.25 -0.50 36.44
CA ARG A 1413 -13.04 -1.42 35.62
C ARG A 1413 -12.13 -2.23 34.70
N LEU A 1414 -11.13 -1.59 34.10
CA LEU A 1414 -10.20 -2.31 33.24
C LEU A 1414 -9.44 -3.37 34.02
N TRP A 1415 -8.98 -3.02 35.24
CA TRP A 1415 -8.28 -4.01 36.04
C TRP A 1415 -9.20 -5.16 36.45
N GLU A 1416 -10.46 -4.85 36.75
CA GLU A 1416 -11.44 -5.90 37.03
C GLU A 1416 -11.55 -6.87 35.86
N ALA A 1417 -11.77 -6.33 34.66
CA ALA A 1417 -11.94 -7.19 33.49
C ALA A 1417 -10.69 -8.01 33.23
N LEU A 1418 -9.51 -7.41 33.40
CA LEU A 1418 -8.27 -8.15 33.19
C LEU A 1418 -8.10 -9.27 34.22
N GLU A 1419 -8.47 -9.01 35.48
CA GLU A 1419 -8.40 -10.06 36.48
C GLU A 1419 -9.33 -11.22 36.15
N ILE A 1420 -10.55 -10.90 35.68
CA ILE A 1420 -11.47 -11.96 35.27
C ILE A 1420 -10.87 -12.78 34.13
N ALA A 1421 -10.16 -12.10 33.22
CA ALA A 1421 -9.56 -12.77 32.07
C ALA A 1421 -8.23 -13.43 32.39
N GLN A 1422 -7.78 -13.39 33.65
CA GLN A 1422 -6.58 -14.08 34.08
C GLN A 1422 -5.32 -13.52 33.42
N LEU A 1423 -5.34 -12.24 33.04
CA LEU A 1423 -4.17 -11.57 32.48
C LEU A 1423 -3.70 -10.42 33.35
N LYS A 1424 -4.16 -10.34 34.60
CA LYS A 1424 -3.83 -9.20 35.44
C LYS A 1424 -2.36 -9.16 35.82
N ASN A 1425 -1.81 -10.31 36.20
CA ASN A 1425 -0.42 -10.33 36.68
C ASN A 1425 0.55 -9.96 35.56
N MET A 1426 0.34 -10.51 34.36
CA MET A 1426 1.24 -10.21 33.25
C MET A 1426 1.25 -8.72 32.93
N VAL A 1427 0.07 -8.09 32.91
CA VAL A 1427 -0.01 -6.66 32.64
C VAL A 1427 0.61 -5.86 33.78
N LYS A 1428 0.43 -6.32 35.03
CA LYS A 1428 1.08 -5.66 36.15
C LYS A 1428 2.59 -5.66 35.97
N SER A 1429 3.15 -6.77 35.51
CA SER A 1429 4.59 -6.87 35.30
C SER A 1429 5.04 -6.30 33.96
N LEU A 1430 4.12 -5.89 33.09
CA LEU A 1430 4.54 -5.27 31.83
C LEU A 1430 5.17 -3.92 32.10
N PRO A 1431 6.19 -3.52 31.31
CA PRO A 1431 6.90 -2.27 31.59
C PRO A 1431 6.00 -1.04 31.59
N GLY A 1432 5.29 -0.83 30.47
CA GLY A 1432 4.50 0.38 30.33
C GLY A 1432 3.37 0.51 31.34
N GLY A 1433 3.00 -0.58 32.00
CA GLY A 1433 1.87 -0.57 32.91
C GLY A 1433 0.60 -0.99 32.21
N LEU A 1434 -0.50 -0.27 32.45
CA LEU A 1434 -1.71 -0.48 31.68
C LEU A 1434 -1.67 0.25 30.33
N ASP A 1435 -0.55 0.91 30.02
CA ASP A 1435 -0.36 1.59 28.75
C ASP A 1435 0.62 0.85 27.84
N ALA A 1436 0.96 -0.39 28.17
CA ALA A 1436 1.92 -1.14 27.36
C ALA A 1436 1.46 -1.22 25.91
N THR A 1437 2.38 -0.98 24.98
CA THR A 1437 2.03 -0.95 23.58
C THR A 1437 1.63 -2.35 23.09
N VAL A 1438 0.67 -2.37 22.18
CA VAL A 1438 0.21 -3.59 21.53
C VAL A 1438 0.47 -3.40 20.05
N THR A 1439 1.58 -3.94 19.55
CA THR A 1439 1.93 -3.78 18.15
C THR A 1439 0.82 -4.31 17.25
N GLU A 1440 0.92 -3.98 15.96
CA GLU A 1440 -0.16 -4.30 15.03
C GLU A 1440 -0.51 -5.78 15.10
N GLY A 1441 -1.80 -6.06 15.28
CA GLY A 1441 -2.27 -7.43 15.39
C GLY A 1441 -1.92 -8.10 16.68
N GLY A 1442 -1.46 -7.37 17.69
CA GLY A 1442 -1.07 -7.97 18.95
C GLY A 1442 0.03 -9.00 18.79
N GLU A 1443 1.00 -8.74 17.91
CA GLU A 1443 2.04 -9.72 17.62
C GLU A 1443 3.02 -9.89 18.78
N ASN A 1444 3.10 -8.93 19.69
CA ASN A 1444 4.02 -9.04 20.81
C ASN A 1444 3.45 -9.85 21.97
N PHE A 1445 2.27 -10.43 21.82
CA PHE A 1445 1.71 -11.37 22.78
C PHE A 1445 1.38 -12.68 22.08
N SER A 1446 1.46 -13.78 22.81
CA SER A 1446 1.07 -15.06 22.26
C SER A 1446 -0.41 -15.04 21.86
N VAL A 1447 -0.78 -15.99 21.00
CA VAL A 1447 -2.16 -16.01 20.48
C VAL A 1447 -3.15 -16.16 21.63
N GLY A 1448 -2.84 -17.01 22.60
CA GLY A 1448 -3.72 -17.17 23.74
C GLY A 1448 -3.91 -15.90 24.52
N GLN A 1449 -2.83 -15.13 24.70
CA GLN A 1449 -2.95 -13.85 25.38
C GLN A 1449 -3.81 -12.87 24.58
N ARG A 1450 -3.70 -12.90 23.25
CA ARG A 1450 -4.58 -12.08 22.43
C ARG A 1450 -6.05 -12.45 22.66
N GLN A 1451 -6.34 -13.75 22.69
CA GLN A 1451 -7.71 -14.19 22.91
C GLN A 1451 -8.21 -13.74 24.29
N LEU A 1452 -7.35 -13.83 25.30
CA LEU A 1452 -7.75 -13.38 26.64
C LEU A 1452 -7.94 -11.87 26.68
N PHE A 1453 -7.16 -11.11 25.92
CA PHE A 1453 -7.41 -9.68 25.81
C PHE A 1453 -8.78 -9.43 25.19
N CYS A 1454 -9.16 -10.23 24.18
CA CYS A 1454 -10.50 -10.09 23.62
C CYS A 1454 -11.56 -10.39 24.66
N LEU A 1455 -11.34 -11.43 25.48
CA LEU A 1455 -12.29 -11.74 26.55
C LEU A 1455 -12.42 -10.55 27.51
N ALA A 1456 -11.30 -9.95 27.88
CA ALA A 1456 -11.36 -8.79 28.79
C ALA A 1456 -12.08 -7.61 28.15
N ARG A 1457 -11.81 -7.37 26.86
CA ARG A 1457 -12.51 -6.33 26.13
C ARG A 1457 -14.02 -6.54 26.18
N ALA A 1458 -14.46 -7.78 26.01
CA ALA A 1458 -15.89 -8.07 26.14
C ALA A 1458 -16.36 -7.89 27.57
N PHE A 1459 -15.53 -8.20 28.55
CA PHE A 1459 -15.96 -8.17 29.95
C PHE A 1459 -16.15 -6.74 30.46
N VAL A 1460 -15.36 -5.78 29.97
CA VAL A 1460 -15.49 -4.41 30.48
C VAL A 1460 -16.91 -3.89 30.21
N ARG A 1461 -17.47 -4.24 29.06
CA ARG A 1461 -18.71 -3.60 28.62
C ARG A 1461 -19.85 -3.81 29.60
N LYS A 1462 -19.83 -4.92 30.35
CA LYS A 1462 -20.84 -5.21 31.35
C LYS A 1462 -22.24 -5.09 30.76
N SER A 1463 -22.42 -5.66 29.58
CA SER A 1463 -23.76 -5.83 29.04
C SER A 1463 -24.43 -7.01 29.73
N SER A 1464 -25.72 -7.20 29.42
CA SER A 1464 -26.50 -8.20 30.13
C SER A 1464 -26.50 -9.57 29.47
N ILE A 1465 -26.20 -9.65 28.17
CA ILE A 1465 -26.14 -10.92 27.45
C ILE A 1465 -24.76 -11.04 26.83
N LEU A 1466 -24.08 -12.14 27.11
CA LEU A 1466 -22.72 -12.38 26.66
C LEU A 1466 -22.69 -13.63 25.79
N ILE A 1467 -22.44 -13.44 24.50
CA ILE A 1467 -22.33 -14.55 23.56
C ILE A 1467 -20.85 -14.81 23.36
N MET A 1468 -20.32 -15.85 24.00
CA MET A 1468 -18.94 -16.26 23.79
C MET A 1468 -18.92 -17.32 22.71
N ASP A 1469 -18.18 -17.08 21.64
CA ASP A 1469 -18.08 -18.02 20.51
C ASP A 1469 -16.69 -18.65 20.54
N GLU A 1470 -16.62 -19.89 21.02
CA GLU A 1470 -15.36 -20.63 21.10
C GLU A 1470 -14.26 -19.75 21.68
N ALA A 1471 -14.61 -19.07 22.78
CA ALA A 1471 -13.72 -18.12 23.41
C ALA A 1471 -12.48 -18.77 24.01
N THR A 1472 -12.49 -20.09 24.21
CA THR A 1472 -11.37 -20.81 24.81
C THR A 1472 -10.74 -21.78 23.80
N ALA A 1473 -10.65 -21.35 22.54
CA ALA A 1473 -10.09 -22.23 21.51
C ALA A 1473 -8.59 -22.39 21.68
N SER A 1474 -7.88 -21.29 21.93
CA SER A 1474 -6.43 -21.30 22.04
C SER A 1474 -5.94 -21.26 23.48
N ILE A 1475 -6.84 -21.46 24.45
CA ILE A 1475 -6.50 -21.39 25.86
C ILE A 1475 -6.33 -22.81 26.39
N ASP A 1476 -5.22 -23.05 27.08
CA ASP A 1476 -4.94 -24.38 27.61
C ASP A 1476 -6.05 -24.79 28.60
N MET A 1477 -6.02 -26.06 28.97
CA MET A 1477 -7.09 -26.62 29.79
C MET A 1477 -7.13 -25.98 31.17
N ALA A 1478 -5.97 -25.69 31.76
CA ALA A 1478 -5.95 -25.14 33.12
C ALA A 1478 -6.46 -23.71 33.14
N THR A 1479 -5.90 -22.85 32.28
CA THR A 1479 -6.40 -21.48 32.20
C THR A 1479 -7.86 -21.47 31.79
N GLU A 1480 -8.26 -22.35 30.88
CA GLU A 1480 -9.65 -22.42 30.47
C GLU A 1480 -10.55 -22.77 31.66
N ASN A 1481 -10.15 -23.75 32.46
CA ASN A 1481 -10.96 -24.14 33.61
C ASN A 1481 -11.13 -22.98 34.59
N ILE A 1482 -10.01 -22.37 35.00
CA ILE A 1482 -10.10 -21.32 36.00
C ILE A 1482 -10.87 -20.12 35.44
N LEU A 1483 -10.64 -19.79 34.16
CA LEU A 1483 -11.31 -18.65 33.55
C LEU A 1483 -12.81 -18.90 33.39
N GLN A 1484 -13.21 -20.12 33.04
CA GLN A 1484 -14.63 -20.44 32.99
C GLN A 1484 -15.25 -20.26 34.36
N LYS A 1485 -14.59 -20.78 35.41
CA LYS A 1485 -15.12 -20.64 36.76
C LYS A 1485 -15.30 -19.15 37.12
N VAL A 1486 -14.27 -18.34 36.85
CA VAL A 1486 -14.33 -16.95 37.25
C VAL A 1486 -15.38 -16.19 36.45
N VAL A 1487 -15.44 -16.41 35.13
CA VAL A 1487 -16.40 -15.70 34.30
C VAL A 1487 -17.81 -16.11 34.68
N MET A 1488 -17.99 -17.35 35.16
CA MET A 1488 -19.32 -17.76 35.62
C MET A 1488 -19.66 -17.14 36.96
N THR A 1489 -18.68 -16.97 37.85
CA THR A 1489 -18.97 -16.35 39.15
C THR A 1489 -19.27 -14.86 38.99
N ALA A 1490 -18.50 -14.15 38.16
CA ALA A 1490 -18.65 -12.70 38.06
C ALA A 1490 -19.88 -12.31 37.25
N PHE A 1491 -20.18 -13.03 36.18
CA PHE A 1491 -21.32 -12.74 35.32
C PHE A 1491 -22.50 -13.66 35.61
N ALA A 1492 -22.70 -14.01 36.88
CA ALA A 1492 -23.75 -14.96 37.24
C ALA A 1492 -25.13 -14.43 36.88
N ASP A 1493 -25.41 -13.15 37.16
CA ASP A 1493 -26.72 -12.60 36.87
C ASP A 1493 -26.99 -12.52 35.37
N ARG A 1494 -25.99 -12.11 34.59
CA ARG A 1494 -26.15 -12.00 33.15
C ARG A 1494 -26.47 -13.37 32.54
N THR A 1495 -26.83 -13.35 31.26
CA THR A 1495 -27.11 -14.56 30.50
C THR A 1495 -25.95 -14.78 29.53
N VAL A 1496 -25.20 -15.86 29.74
CA VAL A 1496 -24.06 -16.20 28.89
C VAL A 1496 -24.46 -17.39 28.03
N VAL A 1497 -24.21 -17.27 26.73
CA VAL A 1497 -24.39 -18.37 25.77
C VAL A 1497 -23.02 -18.65 25.18
N THR A 1498 -22.52 -19.86 25.42
CA THR A 1498 -21.17 -20.25 25.02
C THR A 1498 -21.24 -21.32 23.94
N ILE A 1499 -20.65 -21.03 22.78
CA ILE A 1499 -20.42 -22.05 21.76
C ILE A 1499 -19.14 -22.78 22.15
N ALA A 1500 -19.27 -24.01 22.60
CA ALA A 1500 -18.20 -24.70 23.31
C ALA A 1500 -17.25 -25.39 22.35
N HIS A 1501 -15.95 -25.14 22.52
CA HIS A 1501 -14.94 -25.91 21.81
C HIS A 1501 -14.91 -27.35 22.31
N ARG A 1502 -14.85 -27.52 23.63
CA ARG A 1502 -15.01 -28.82 24.27
C ARG A 1502 -16.42 -28.89 24.83
N VAL A 1503 -17.18 -29.91 24.44
CA VAL A 1503 -18.54 -30.06 24.96
C VAL A 1503 -18.53 -30.28 26.46
N SER A 1504 -17.39 -30.66 27.03
CA SER A 1504 -17.29 -30.84 28.47
C SER A 1504 -17.55 -29.53 29.21
N SER A 1505 -17.21 -28.39 28.60
CA SER A 1505 -17.34 -27.11 29.29
C SER A 1505 -18.80 -26.77 29.56
N ILE A 1506 -19.70 -27.08 28.64
CA ILE A 1506 -21.10 -26.70 28.76
C ILE A 1506 -21.96 -27.82 29.34
N MET A 1507 -21.34 -28.91 29.82
CA MET A 1507 -22.13 -29.96 30.44
C MET A 1507 -22.87 -29.43 31.67
N ASP A 1508 -22.24 -28.52 32.41
CA ASP A 1508 -22.85 -27.91 33.58
C ASP A 1508 -23.46 -26.56 33.19
N ALA A 1509 -24.52 -26.65 32.39
CA ALA A 1509 -25.28 -25.50 31.95
C ALA A 1509 -26.77 -25.81 32.04
N GLY A 1510 -27.56 -24.79 32.36
CA GLY A 1510 -28.99 -25.00 32.49
C GLY A 1510 -29.65 -25.46 31.21
N LEU A 1511 -29.25 -24.89 30.08
CA LEU A 1511 -29.82 -25.21 28.78
C LEU A 1511 -28.70 -25.55 27.81
N VAL A 1512 -28.91 -26.58 26.99
CA VAL A 1512 -27.95 -27.02 26.00
C VAL A 1512 -28.68 -27.18 24.67
N LEU A 1513 -28.28 -26.42 23.67
CA LEU A 1513 -28.85 -26.48 22.32
C LEU A 1513 -27.77 -27.02 21.38
N VAL A 1514 -27.97 -28.24 20.90
CA VAL A 1514 -27.01 -28.87 20.00
C VAL A 1514 -27.54 -28.72 18.57
N PHE A 1515 -26.77 -28.02 17.74
CA PHE A 1515 -27.08 -27.85 16.33
C PHE A 1515 -26.51 -29.00 15.53
N SER A 1516 -27.12 -29.26 14.38
CA SER A 1516 -26.60 -30.25 13.44
C SER A 1516 -27.12 -29.87 12.06
N GLU A 1517 -26.26 -29.26 11.25
CA GLU A 1517 -26.59 -28.86 9.88
C GLU A 1517 -27.76 -27.87 9.87
N GLY A 1518 -27.67 -26.86 10.73
CA GLY A 1518 -28.59 -25.75 10.73
C GLY A 1518 -29.88 -25.96 11.49
N ILE A 1519 -30.11 -27.14 12.05
CA ILE A 1519 -31.33 -27.44 12.80
C ILE A 1519 -30.93 -27.87 14.21
N LEU A 1520 -31.68 -27.40 15.20
CA LEU A 1520 -31.45 -27.78 16.59
C LEU A 1520 -32.01 -29.19 16.80
N VAL A 1521 -31.10 -30.16 16.96
CA VAL A 1521 -31.54 -31.54 17.09
C VAL A 1521 -32.32 -31.75 18.38
N GLU A 1522 -31.94 -31.05 19.45
CA GLU A 1522 -32.62 -31.21 20.73
C GLU A 1522 -32.29 -30.03 21.62
N CYS A 1523 -33.30 -29.56 22.36
CA CYS A 1523 -33.17 -28.40 23.24
C CYS A 1523 -33.67 -28.79 24.62
N ASP A 1524 -32.74 -29.18 25.49
CA ASP A 1524 -33.08 -29.60 26.84
C ASP A 1524 -31.92 -29.27 27.77
N THR A 1525 -32.05 -29.65 29.04
CA THR A 1525 -31.00 -29.40 30.00
C THR A 1525 -29.81 -30.33 29.73
N GLY A 1526 -28.65 -29.93 30.24
CA GLY A 1526 -27.45 -30.71 30.11
C GLY A 1526 -27.63 -32.15 30.58
N PRO A 1527 -28.03 -32.33 31.85
CA PRO A 1527 -28.18 -33.70 32.37
C PRO A 1527 -29.20 -34.52 31.61
N ASN A 1528 -30.28 -33.91 31.10
CA ASN A 1528 -31.28 -34.68 30.37
C ASN A 1528 -30.73 -35.20 29.06
N LEU A 1529 -30.09 -34.33 28.27
CA LEU A 1529 -29.50 -34.77 27.01
C LEU A 1529 -28.35 -35.74 27.24
N LEU A 1530 -27.66 -35.63 28.37
CA LEU A 1530 -26.60 -36.58 28.69
C LEU A 1530 -27.19 -37.94 29.07
N GLN A 1531 -28.32 -37.94 29.78
CA GLN A 1531 -28.94 -39.20 30.17
C GLN A 1531 -29.39 -40.01 28.97
N HIS A 1532 -29.94 -39.35 27.96
CA HIS A 1532 -30.40 -40.03 26.75
C HIS A 1532 -29.18 -40.53 25.98
N LYS A 1533 -28.90 -41.83 26.09
CA LYS A 1533 -27.78 -42.42 25.38
C LYS A 1533 -28.06 -42.47 23.88
N ASN A 1534 -26.98 -42.53 23.10
CA ASN A 1534 -27.06 -42.51 21.65
C ASN A 1534 -27.56 -41.16 21.12
N GLY A 1535 -27.45 -40.11 21.93
CA GLY A 1535 -27.81 -38.77 21.50
C GLY A 1535 -26.59 -37.97 21.09
N LEU A 1536 -26.83 -36.91 20.33
CA LEU A 1536 -25.72 -36.11 19.81
C LEU A 1536 -24.88 -35.52 20.94
N PHE A 1537 -25.55 -34.96 21.96
CA PHE A 1537 -24.80 -34.42 23.09
C PHE A 1537 -24.06 -35.53 23.83
N SER A 1538 -24.75 -36.63 24.11
CA SER A 1538 -24.09 -37.75 24.79
C SER A 1538 -22.96 -38.32 23.95
N THR A 1539 -23.15 -38.39 22.63
CA THR A 1539 -22.08 -38.84 21.74
C THR A 1539 -20.86 -37.93 21.84
N LEU A 1540 -21.08 -36.62 21.73
CA LEU A 1540 -19.97 -35.68 21.85
C LEU A 1540 -19.33 -35.76 23.22
N VAL A 1541 -20.13 -35.87 24.27
CA VAL A 1541 -19.60 -35.96 25.63
C VAL A 1541 -18.75 -37.21 25.79
N MET A 1542 -19.22 -38.34 25.25
CA MET A 1542 -18.45 -39.58 25.34
C MET A 1542 -17.10 -39.43 24.65
N THR A 1543 -17.08 -38.77 23.49
CA THR A 1543 -15.84 -38.53 22.77
C THR A 1543 -15.00 -37.46 23.47
#